data_4C75
#
_entry.id   4C75
#
_cell.length_a   80.715
_cell.length_b   118.834
_cell.length_c   118.939
_cell.angle_alpha   90.00
_cell.angle_beta   90.00
_cell.angle_gamma   90.00
#
_symmetry.space_group_name_H-M   'P 21 21 21'
#
loop_
_entity.id
_entity.type
_entity.pdbx_description
1 polymer BETA-LACTAMASE
2 non-polymer 'SULFATE ION'
3 non-polymer 'ACETATE ION'
4 non-polymer DI(HYDROXYETHYL)ETHER
5 non-polymer 'SODIUM ION'
6 water water
#
_entity_poly.entity_id   1
_entity_poly.type   'polypeptide(L)'
_entity_poly.pdbx_seq_one_letter_code
;AAALNDEFAALEKQYGGRLGVYALDTGTGRTIAYRADERFPMCSTFKALAAAAVLAQVDAGKESLDRRITYTKDDLVDYS
PVTEKHVGTGMTLAELCEAAITYSDNTAANLLLDEIGGPKGLTAFLRSIGDDVTRLDRWEPELNEALPGDPRDTTTPAAM
AATLRALLLGDALSPASRAQLTDWMRGNTTGDKLIRAGLPAGWRVGDKTGTGSYGTRNDIAIIWPPNRAPIVLAIYSTGS
TADAKERNALIAEAAKIVAEAL
;
_entity_poly.pdbx_strand_id   A,B,C,D
#
# COMPACT_ATOMS: atom_id res chain seq x y z
N ALA A 1 25.78 5.37 24.84
CA ALA A 1 24.90 6.08 25.75
C ALA A 1 24.30 7.33 25.10
N ALA A 2 23.86 8.27 25.93
CA ALA A 2 23.09 9.44 25.45
C ALA A 2 23.84 10.28 24.41
N ALA A 3 25.09 10.60 24.71
CA ALA A 3 25.92 11.33 23.76
C ALA A 3 25.94 10.66 22.38
N LEU A 4 26.15 9.36 22.35
CA LEU A 4 26.18 8.64 21.08
C LEU A 4 24.78 8.55 20.46
N ASN A 5 23.77 8.40 21.30
CA ASN A 5 22.40 8.35 20.81
C ASN A 5 22.04 9.65 20.09
N ASP A 6 22.54 10.77 20.62
CA ASP A 6 22.34 12.06 19.99
C ASP A 6 22.92 12.07 18.57
N GLU A 7 24.07 11.43 18.39
CA GLU A 7 24.70 11.41 17.08
C GLU A 7 23.89 10.62 16.06
N PHE A 8 23.44 9.42 16.45
CA PHE A 8 22.60 8.62 15.56
C PHE A 8 21.27 9.32 15.33
N ALA A 9 20.82 10.11 16.31
CA ALA A 9 19.56 10.83 16.17
C ALA A 9 19.73 11.98 15.18
N ALA A 10 20.93 12.55 15.13
CA ALA A 10 21.22 13.63 14.20
C ALA A 10 21.23 13.09 12.77
N LEU A 11 21.68 11.85 12.60
CA LEU A 11 21.66 11.22 11.29
C LEU A 11 20.23 10.98 10.83
N GLU A 12 19.37 10.55 11.76
CA GLU A 12 17.98 10.27 11.44
C GLU A 12 17.28 11.54 11.01
N LYS A 13 17.58 12.64 11.69
CA LYS A 13 16.98 13.92 11.32
C LYS A 13 17.50 14.38 9.97
N GLN A 14 18.79 14.18 9.76
CA GLN A 14 19.45 14.62 8.52
C GLN A 14 18.84 13.95 7.29
N TYR A 15 18.69 12.63 7.36
CA TYR A 15 18.22 11.84 6.22
C TYR A 15 16.72 11.55 6.24
N GLY A 16 16.06 11.80 7.37
CA GLY A 16 14.68 11.39 7.55
C GLY A 16 14.66 9.93 7.94
N GLY A 17 13.52 9.43 8.40
CA GLY A 17 13.42 8.00 8.70
C GLY A 17 14.05 7.51 9.99
N ARG A 18 14.34 6.21 10.03
CA ARG A 18 14.64 5.51 11.27
C ARG A 18 15.89 4.64 11.08
N LEU A 19 16.83 4.73 12.01
CA LEU A 19 18.12 4.05 11.88
C LEU A 19 18.32 3.06 13.00
N GLY A 20 18.73 1.83 12.68
CA GLY A 20 19.02 0.84 13.70
C GLY A 20 20.45 0.36 13.59
N VAL A 21 21.11 0.21 14.74
CA VAL A 21 22.50 -0.23 14.76
C VAL A 21 22.73 -1.22 15.89
N TYR A 22 23.38 -2.34 15.57
CA TYR A 22 23.98 -3.20 16.60
C TYR A 22 25.39 -3.54 16.17
N ALA A 23 26.37 -3.23 17.03
CA ALA A 23 27.74 -3.61 16.74
C ALA A 23 28.35 -4.28 17.97
N LEU A 24 29.20 -5.27 17.73
CA LEU A 24 29.87 -5.99 18.81
C LEU A 24 31.33 -6.22 18.45
N ASP A 25 32.24 -5.71 19.28
CA ASP A 25 33.66 -6.02 19.15
C ASP A 25 33.92 -7.30 19.94
N THR A 26 34.16 -8.40 19.25
CA THR A 26 34.36 -9.67 19.95
C THR A 26 35.64 -9.67 20.81
N GLY A 27 36.55 -8.76 20.52
CA GLY A 27 37.81 -8.68 21.25
C GLY A 27 37.74 -8.00 22.62
N THR A 28 36.64 -7.30 22.88
CA THR A 28 36.48 -6.57 24.13
C THR A 28 35.09 -6.76 24.73
N GLY A 29 34.18 -7.31 23.94
CA GLY A 29 32.80 -7.47 24.40
C GLY A 29 31.99 -6.18 24.40
N ARG A 30 32.60 -5.08 23.97
CA ARG A 30 31.86 -3.80 23.93
C ARG A 30 30.85 -3.82 22.79
N THR A 31 29.68 -3.22 23.04
CA THR A 31 28.60 -3.16 22.05
C THR A 31 28.18 -1.74 21.78
N ILE A 32 27.55 -1.54 20.62
CA ILE A 32 26.79 -0.33 20.34
C ILE A 32 25.35 -0.74 20.01
N ALA A 33 24.36 -0.14 20.66
CA ALA A 33 22.96 -0.45 20.40
C ALA A 33 22.11 0.80 20.21
N TYR A 34 21.55 0.97 19.01
CA TYR A 34 20.63 2.06 18.75
C TYR A 34 19.43 1.50 18.01
N ARG A 35 18.25 1.56 18.66
CA ARG A 35 17.05 0.90 18.15
C ARG A 35 17.34 -0.56 17.83
N ALA A 36 18.26 -1.16 18.59
CA ALA A 36 18.73 -2.50 18.30
C ALA A 36 17.65 -3.57 18.50
N ASP A 37 16.58 -3.21 19.20
CA ASP A 37 15.50 -4.17 19.43
C ASP A 37 14.22 -3.80 18.69
N GLU A 38 14.30 -2.81 17.82
CA GLU A 38 13.15 -2.42 16.99
C GLU A 38 13.17 -3.19 15.69
N ARG A 39 11.98 -3.51 15.17
CA ARG A 39 11.92 -4.25 13.90
C ARG A 39 12.22 -3.36 12.69
N PHE A 40 12.91 -3.93 11.71
CA PHE A 40 13.23 -3.24 10.45
C PHE A 40 13.01 -4.26 9.32
N PRO A 41 12.67 -3.78 8.12
CA PRO A 41 12.54 -4.71 7.00
C PRO A 41 13.89 -5.28 6.58
N MET A 42 13.94 -6.59 6.38
CA MET A 42 15.19 -7.24 6.03
C MET A 42 15.62 -6.91 4.61
N CYS A 43 14.65 -6.86 3.70
CA CYS A 43 14.93 -6.83 2.26
C CYS A 43 16.02 -7.86 1.97
N SER A 44 16.99 -7.55 1.11
CA SER A 44 17.95 -8.57 0.66
C SER A 44 18.92 -9.14 1.69
N THR A 45 18.90 -8.63 2.92
CA THR A 45 19.83 -9.17 3.93
C THR A 45 19.50 -10.62 4.28
N PHE A 46 18.26 -11.04 4.01
CA PHE A 46 17.87 -12.44 4.29
C PHE A 46 18.60 -13.44 3.42
N LYS A 47 19.06 -12.99 2.25
CA LYS A 47 19.68 -13.89 1.27
C LYS A 47 20.91 -14.59 1.82
N ALA A 48 21.56 -13.98 2.81
CA ALA A 48 22.70 -14.62 3.45
C ALA A 48 22.19 -15.75 4.33
N LEU A 49 21.02 -15.55 4.93
CA LEU A 49 20.41 -16.55 5.80
C LEU A 49 19.88 -17.71 4.97
N ALA A 50 19.39 -17.39 3.77
CA ALA A 50 18.88 -18.39 2.86
C ALA A 50 20.00 -19.33 2.44
N ALA A 51 21.15 -18.77 2.11
CA ALA A 51 22.29 -19.59 1.73
C ALA A 51 22.74 -20.46 2.89
N ALA A 52 22.79 -19.85 4.07
CA ALA A 52 23.13 -20.59 5.29
C ALA A 52 22.23 -21.81 5.47
N ALA A 53 20.92 -21.59 5.33
CA ALA A 53 19.96 -22.68 5.44
C ALA A 53 20.21 -23.80 4.43
N VAL A 54 20.65 -23.45 3.22
CA VAL A 54 21.01 -24.48 2.24
C VAL A 54 22.24 -25.22 2.74
N LEU A 55 23.21 -24.47 3.26
CA LEU A 55 24.45 -25.09 3.75
C LEU A 55 24.14 -26.01 4.92
N ALA A 56 23.18 -25.63 5.76
CA ALA A 56 22.81 -26.45 6.91
C ALA A 56 22.21 -27.79 6.46
N GLN A 57 21.50 -27.78 5.33
CA GLN A 57 20.97 -29.02 4.77
C GLN A 57 22.10 -29.91 4.29
N VAL A 58 23.14 -29.30 3.73
CA VAL A 58 24.30 -30.07 3.28
C VAL A 58 25.04 -30.67 4.46
N ASP A 59 25.27 -29.87 5.51
CA ASP A 59 25.91 -30.35 6.74
C ASP A 59 25.21 -31.60 7.25
N ALA A 60 23.89 -31.62 7.08
CA ALA A 60 23.06 -32.72 7.55
C ALA A 60 22.98 -33.85 6.51
N GLY A 61 23.78 -33.76 5.46
CA GLY A 61 23.86 -34.82 4.46
C GLY A 61 22.59 -35.00 3.65
N LYS A 62 21.76 -33.95 3.64
CA LYS A 62 20.46 -34.03 2.99
C LYS A 62 20.46 -33.31 1.66
N GLU A 63 21.59 -32.69 1.31
CA GLU A 63 21.66 -31.84 0.14
C GLU A 63 23.10 -31.79 -0.36
N SER A 64 23.28 -31.44 -1.63
CA SER A 64 24.60 -31.29 -2.23
C SER A 64 24.70 -29.93 -2.93
N LEU A 65 25.82 -29.24 -2.78
CA LEU A 65 25.99 -27.93 -3.41
C LEU A 65 26.14 -28.03 -4.93
N ASP A 66 26.61 -29.18 -5.39
CA ASP A 66 26.75 -29.44 -6.81
C ASP A 66 25.41 -29.74 -7.52
N ARG A 67 24.34 -29.95 -6.75
CA ARG A 67 23.08 -30.33 -7.37
C ARG A 67 22.58 -29.24 -8.32
N ARG A 68 22.32 -29.65 -9.57
CA ARG A 68 21.88 -28.72 -10.60
C ARG A 68 20.39 -28.39 -10.47
N ILE A 69 20.09 -27.10 -10.35
CA ILE A 69 18.70 -26.64 -10.29
C ILE A 69 18.22 -26.14 -11.66
N THR A 70 17.13 -26.73 -12.16
CA THR A 70 16.50 -26.29 -13.39
C THR A 70 15.40 -25.26 -13.09
N TYR A 71 15.28 -24.24 -13.93
CA TYR A 71 14.24 -23.23 -13.76
C TYR A 71 13.82 -22.59 -15.09
N THR A 72 12.68 -21.91 -15.07
CA THR A 72 12.14 -21.32 -16.29
C THR A 72 12.02 -19.81 -16.18
N LYS A 73 11.49 -19.20 -17.22
CA LYS A 73 11.31 -17.76 -17.28
C LYS A 73 10.17 -17.34 -16.35
N ASP A 74 9.33 -18.31 -15.99
CA ASP A 74 8.27 -18.09 -15.01
C ASP A 74 8.88 -17.86 -13.62
N ASP A 75 10.14 -18.23 -13.45
CA ASP A 75 10.87 -18.06 -12.19
C ASP A 75 11.62 -16.73 -12.11
N LEU A 76 11.92 -16.15 -13.26
CA LEU A 76 12.68 -14.90 -13.31
C LEU A 76 11.87 -13.72 -12.76
N VAL A 77 12.42 -13.07 -11.75
CA VAL A 77 11.86 -11.81 -11.24
C VAL A 77 12.91 -10.72 -11.45
N ASP A 78 12.55 -9.46 -11.19
CA ASP A 78 13.46 -8.36 -11.49
C ASP A 78 14.78 -8.43 -10.70
N TYR A 79 15.81 -7.76 -11.22
N TYR A 79 15.78 -7.71 -11.21
CA TYR A 79 17.14 -7.77 -10.60
CA TYR A 79 17.14 -7.75 -10.71
C TYR A 79 17.70 -9.17 -10.41
C TYR A 79 17.65 -9.16 -10.42
N SER A 80 17.93 -9.89 -11.50
CA SER A 80 18.51 -11.22 -11.44
C SER A 80 19.61 -11.32 -12.49
N PRO A 81 20.66 -10.48 -12.35
CA PRO A 81 21.67 -10.33 -13.40
C PRO A 81 22.37 -11.64 -13.77
N VAL A 82 22.57 -12.52 -12.79
CA VAL A 82 23.23 -13.81 -13.04
C VAL A 82 22.26 -14.87 -13.59
N THR A 83 21.22 -15.19 -12.83
CA THR A 83 20.26 -16.22 -13.24
C THR A 83 19.58 -15.92 -14.58
N GLU A 84 19.41 -14.64 -14.90
CA GLU A 84 18.79 -14.29 -16.19
C GLU A 84 19.66 -14.70 -17.40
N LYS A 85 20.80 -15.32 -17.13
CA LYS A 85 21.70 -15.76 -18.18
C LYS A 85 21.78 -17.29 -18.32
N HIS A 86 21.16 -18.02 -17.41
CA HIS A 86 21.32 -19.47 -17.41
C HIS A 86 20.01 -20.27 -17.35
N VAL A 87 18.94 -19.73 -17.94
CA VAL A 87 17.67 -20.43 -18.00
C VAL A 87 17.84 -21.80 -18.68
N GLY A 88 18.52 -21.82 -19.81
CA GLY A 88 18.76 -23.04 -20.54
C GLY A 88 19.52 -24.12 -19.78
N THR A 89 20.67 -23.75 -19.21
CA THR A 89 21.55 -24.73 -18.57
C THR A 89 21.20 -24.98 -17.11
N GLY A 90 20.43 -24.08 -16.51
CA GLY A 90 20.24 -24.12 -15.07
C GLY A 90 21.50 -23.68 -14.36
N MET A 91 21.48 -23.75 -13.02
CA MET A 91 22.62 -23.41 -12.18
C MET A 91 22.67 -24.37 -10.98
N THR A 92 23.85 -24.54 -10.39
CA THR A 92 24.01 -25.34 -9.19
C THR A 92 23.69 -24.53 -7.93
N LEU A 93 23.39 -25.23 -6.84
CA LEU A 93 23.06 -24.57 -5.57
C LEU A 93 24.20 -23.68 -5.08
N ALA A 94 25.43 -24.12 -5.33
CA ALA A 94 26.60 -23.33 -5.00
C ALA A 94 26.54 -22.02 -5.77
N GLU A 95 26.31 -22.13 -7.08
CA GLU A 95 26.24 -20.97 -7.97
C GLU A 95 25.07 -20.04 -7.62
N LEU A 96 23.97 -20.61 -7.15
CA LEU A 96 22.80 -19.83 -6.75
C LEU A 96 23.04 -19.08 -5.44
N CYS A 97 23.65 -19.76 -4.47
CA CYS A 97 24.04 -19.12 -3.21
C CYS A 97 24.99 -17.96 -3.49
N GLU A 98 26.01 -18.24 -4.29
CA GLU A 98 27.00 -17.22 -4.62
C GLU A 98 26.34 -16.02 -5.30
N ALA A 99 25.45 -16.30 -6.25
CA ALA A 99 24.77 -15.24 -6.98
C ALA A 99 23.83 -14.44 -6.07
N ALA A 100 23.11 -15.14 -5.20
CA ALA A 100 22.18 -14.49 -4.29
C ALA A 100 22.92 -13.58 -3.31
N ILE A 101 24.10 -13.99 -2.90
CA ILE A 101 24.86 -13.20 -1.94
C ILE A 101 25.63 -12.09 -2.64
N THR A 102 26.52 -12.47 -3.56
CA THR A 102 27.48 -11.52 -4.14
C THR A 102 26.84 -10.56 -5.12
N TYR A 103 25.74 -10.96 -5.74
CA TYR A 103 25.02 -10.07 -6.65
C TYR A 103 23.61 -9.74 -6.23
N SER A 104 23.19 -10.23 -5.06
CA SER A 104 21.85 -9.98 -4.54
C SER A 104 20.78 -10.46 -5.54
N ASP A 105 21.10 -11.51 -6.29
CA ASP A 105 20.24 -12.04 -7.34
C ASP A 105 18.88 -12.51 -6.79
N ASN A 106 17.79 -11.84 -7.19
CA ASN A 106 16.47 -12.15 -6.64
C ASN A 106 15.92 -13.51 -7.02
N THR A 107 16.06 -13.88 -8.28
CA THR A 107 15.63 -15.19 -8.75
C THR A 107 16.38 -16.31 -8.02
N ALA A 108 17.68 -16.12 -7.80
CA ALA A 108 18.51 -17.13 -7.14
C ALA A 108 18.01 -17.34 -5.72
N ALA A 109 17.67 -16.23 -5.07
CA ALA A 109 17.15 -16.27 -3.71
C ALA A 109 15.85 -17.05 -3.61
N ASN A 110 14.94 -16.81 -4.54
CA ASN A 110 13.68 -17.53 -4.57
C ASN A 110 13.92 -19.02 -4.76
N LEU A 111 14.94 -19.34 -5.56
CA LEU A 111 15.27 -20.73 -5.82
C LEU A 111 15.81 -21.41 -4.57
N LEU A 112 16.63 -20.69 -3.80
CA LEU A 112 17.13 -21.21 -2.55
C LEU A 112 15.96 -21.47 -1.60
N LEU A 113 15.04 -20.53 -1.53
CA LEU A 113 13.81 -20.69 -0.73
C LEU A 113 13.01 -21.94 -1.13
N ASP A 114 13.01 -22.26 -2.42
CA ASP A 114 12.34 -23.47 -2.90
C ASP A 114 12.91 -24.71 -2.21
N GLU A 115 14.25 -24.80 -2.17
CA GLU A 115 14.91 -26.00 -1.68
C GLU A 115 14.92 -26.08 -0.15
N ILE A 116 14.39 -25.05 0.48
CA ILE A 116 14.54 -24.85 1.92
C ILE A 116 13.19 -24.97 2.66
N GLY A 117 12.10 -24.98 1.88
CA GLY A 117 10.76 -25.02 2.44
C GLY A 117 10.11 -23.65 2.48
N GLY A 118 10.63 -22.74 1.67
CA GLY A 118 10.04 -21.41 1.57
C GLY A 118 10.37 -20.54 2.78
N PRO A 119 9.69 -19.38 2.87
CA PRO A 119 9.88 -18.42 3.97
C PRO A 119 9.66 -19.09 5.32
N LYS A 120 8.64 -19.95 5.41
CA LYS A 120 8.35 -20.66 6.65
C LYS A 120 9.48 -21.62 7.02
N GLY A 121 10.06 -22.26 6.00
CA GLY A 121 11.21 -23.13 6.22
C GLY A 121 12.43 -22.34 6.66
N LEU A 122 12.70 -21.22 6.02
CA LEU A 122 13.84 -20.40 6.42
C LEU A 122 13.68 -19.93 7.86
N THR A 123 12.47 -19.50 8.20
CA THR A 123 12.18 -19.03 9.56
C THR A 123 12.42 -20.17 10.54
N ALA A 124 11.89 -21.34 10.20
CA ALA A 124 12.09 -22.54 11.02
C ALA A 124 13.57 -22.77 11.30
N PHE A 125 14.39 -22.68 10.25
CA PHE A 125 15.83 -22.82 10.40
C PHE A 125 16.38 -21.82 11.41
N LEU A 126 15.90 -20.58 11.32
CA LEU A 126 16.42 -19.52 12.17
C LEU A 126 16.09 -19.80 13.64
N ARG A 127 14.90 -20.32 13.88
CA ARG A 127 14.50 -20.72 15.24
C ARG A 127 15.42 -21.83 15.74
N SER A 128 15.77 -22.75 14.85
CA SER A 128 16.62 -23.89 15.21
C SER A 128 18.00 -23.47 15.71
N ILE A 129 18.45 -22.27 15.33
CA ILE A 129 19.77 -21.80 15.78
C ILE A 129 19.64 -20.62 16.74
N GLY A 130 18.50 -20.55 17.42
CA GLY A 130 18.33 -19.58 18.49
C GLY A 130 17.81 -18.20 18.13
N ASP A 131 17.48 -17.98 16.86
CA ASP A 131 16.89 -16.70 16.47
C ASP A 131 15.37 -16.82 16.52
N ASP A 132 14.78 -16.26 17.59
CA ASP A 132 13.34 -16.32 17.81
C ASP A 132 12.68 -15.00 17.44
N VAL A 133 13.43 -14.14 16.75
CA VAL A 133 12.93 -12.81 16.40
C VAL A 133 12.72 -12.62 14.89
N THR A 134 13.76 -12.95 14.11
CA THR A 134 13.72 -12.80 12.66
C THR A 134 12.63 -13.64 12.01
N ARG A 135 11.90 -13.05 11.06
CA ARG A 135 10.85 -13.79 10.38
C ARG A 135 10.83 -13.44 8.90
N LEU A 136 10.77 -14.45 8.03
CA LEU A 136 10.51 -14.21 6.62
C LEU A 136 9.16 -14.78 6.28
N ASP A 137 8.32 -13.99 5.62
CA ASP A 137 6.94 -14.42 5.34
C ASP A 137 6.68 -14.59 3.85
N ARG A 138 7.40 -13.82 3.03
CA ARG A 138 7.09 -13.73 1.60
C ARG A 138 8.30 -13.96 0.69
N TRP A 139 8.04 -14.10 -0.60
CA TRP A 139 9.10 -14.34 -1.58
C TRP A 139 9.52 -13.03 -2.27
N GLU A 140 10.61 -13.07 -3.03
CA GLU A 140 10.94 -11.94 -3.90
C GLU A 140 9.84 -11.83 -4.98
N PRO A 141 9.43 -10.59 -5.33
CA PRO A 141 9.91 -9.29 -4.86
C PRO A 141 9.05 -8.69 -3.76
N GLU A 142 7.90 -9.29 -3.47
CA GLU A 142 6.96 -8.71 -2.50
C GLU A 142 7.58 -8.45 -1.14
N LEU A 143 8.57 -9.25 -0.75
CA LEU A 143 9.17 -9.12 0.57
C LEU A 143 9.85 -7.78 0.81
N ASN A 144 10.01 -6.97 -0.23
CA ASN A 144 10.66 -5.66 -0.10
C ASN A 144 9.69 -4.51 0.14
N GLU A 145 8.40 -4.80 0.25
CA GLU A 145 7.38 -3.76 0.44
C GLU A 145 7.71 -2.77 1.57
N ALA A 146 8.22 -3.30 2.68
CA ALA A 146 8.75 -2.47 3.77
C ALA A 146 7.71 -1.52 4.36
N LEU A 147 6.49 -2.01 4.46
CA LEU A 147 5.40 -1.21 4.99
C LEU A 147 5.65 -0.85 6.45
N PRO A 148 5.51 0.45 6.80
CA PRO A 148 5.62 0.89 8.20
C PRO A 148 4.58 0.15 9.04
N GLY A 149 4.98 -0.30 10.23
CA GLY A 149 4.09 -1.01 11.12
C GLY A 149 3.84 -2.47 10.78
N ASP A 150 4.49 -2.97 9.72
CA ASP A 150 4.30 -4.34 9.23
C ASP A 150 5.39 -5.24 9.80
N PRO A 151 5.00 -6.28 10.56
CA PRO A 151 5.99 -7.20 11.14
C PRO A 151 6.53 -8.25 10.15
N ARG A 152 5.86 -8.43 9.02
CA ARG A 152 6.28 -9.44 8.04
C ARG A 152 7.68 -9.13 7.50
N ASP A 153 8.47 -10.18 7.31
CA ASP A 153 9.78 -10.04 6.65
C ASP A 153 10.72 -9.06 7.38
N THR A 154 10.69 -9.09 8.71
CA THR A 154 11.50 -8.18 9.52
C THR A 154 12.54 -8.91 10.37
N THR A 155 13.55 -8.17 10.80
CA THR A 155 14.44 -8.60 11.88
C THR A 155 14.68 -7.39 12.81
N THR A 156 15.52 -7.56 13.83
CA THR A 156 16.03 -6.43 14.59
C THR A 156 17.54 -6.42 14.45
N PRO A 157 18.18 -5.24 14.58
CA PRO A 157 19.63 -5.24 14.41
C PRO A 157 20.32 -6.20 15.36
N ALA A 158 19.82 -6.33 16.59
CA ALA A 158 20.44 -7.22 17.57
C ALA A 158 20.22 -8.70 17.24
N ALA A 159 19.04 -9.05 16.73
CA ALA A 159 18.79 -10.44 16.41
C ALA A 159 19.65 -10.86 15.21
N MET A 160 19.72 -10.00 14.21
CA MET A 160 20.45 -10.34 12.99
C MET A 160 21.96 -10.47 13.29
N ALA A 161 22.44 -9.62 14.19
CA ALA A 161 23.86 -9.62 14.59
C ALA A 161 24.22 -10.93 15.27
N ALA A 162 23.41 -11.30 16.25
CA ALA A 162 23.59 -12.56 16.95
C ALA A 162 23.54 -13.73 15.98
N THR A 163 22.58 -13.70 15.06
CA THR A 163 22.45 -14.77 14.07
C THR A 163 23.65 -14.83 13.12
N LEU A 164 24.11 -13.68 12.64
CA LEU A 164 25.24 -13.65 11.73
C LEU A 164 26.48 -14.18 12.45
N ARG A 165 26.61 -13.83 13.73
CA ARG A 165 27.74 -14.27 14.54
C ARG A 165 27.77 -15.78 14.68
N ALA A 166 26.62 -16.37 14.98
CA ALA A 166 26.50 -17.83 15.09
C ALA A 166 26.88 -18.53 13.79
N LEU A 167 26.44 -17.96 12.68
CA LEU A 167 26.67 -18.56 11.36
C LEU A 167 28.13 -18.45 10.91
N LEU A 168 28.73 -17.27 11.07
CA LEU A 168 30.09 -17.01 10.57
C LEU A 168 31.23 -17.21 11.59
N LEU A 169 30.93 -17.13 12.87
CA LEU A 169 31.98 -17.27 13.89
C LEU A 169 31.67 -18.39 14.87
N GLY A 170 30.38 -18.56 15.18
CA GLY A 170 29.94 -19.61 16.07
C GLY A 170 29.91 -20.98 15.40
N ASP A 171 29.15 -21.90 15.98
CA ASP A 171 29.11 -23.27 15.46
C ASP A 171 27.76 -23.70 14.87
N ALA A 172 26.97 -22.75 14.38
CA ALA A 172 25.69 -23.09 13.76
C ALA A 172 25.87 -23.95 12.50
N LEU A 173 26.98 -23.74 11.81
CA LEU A 173 27.30 -24.50 10.60
C LEU A 173 28.59 -25.27 10.80
N SER A 174 28.82 -26.30 9.99
CA SER A 174 30.09 -27.04 9.98
C SER A 174 31.23 -26.08 9.65
N PRO A 175 32.48 -26.49 9.94
CA PRO A 175 33.59 -25.59 9.56
C PRO A 175 33.60 -25.29 8.06
N ALA A 176 33.41 -26.29 7.21
CA ALA A 176 33.43 -26.07 5.76
C ALA A 176 32.37 -25.07 5.29
N SER A 177 31.14 -25.20 5.78
CA SER A 177 30.05 -24.34 5.33
C SER A 177 30.27 -22.92 5.83
N ARG A 178 30.73 -22.82 7.08
CA ARG A 178 31.00 -21.53 7.70
C ARG A 178 32.04 -20.79 6.89
N ALA A 179 33.09 -21.53 6.50
CA ALA A 179 34.14 -20.98 5.65
C ALA A 179 33.61 -20.57 4.29
N GLN A 180 32.61 -21.31 3.80
CA GLN A 180 32.05 -21.06 2.48
C GLN A 180 31.14 -19.82 2.49
N LEU A 181 30.29 -19.73 3.50
CA LEU A 181 29.50 -18.53 3.71
C LEU A 181 30.41 -17.32 3.91
N THR A 182 31.52 -17.53 4.60
CA THR A 182 32.49 -16.46 4.82
C THR A 182 33.07 -15.94 3.51
N ASP A 183 33.48 -16.86 2.65
CA ASP A 183 34.05 -16.49 1.35
C ASP A 183 33.04 -15.72 0.48
N TRP A 184 31.82 -16.23 0.42
CA TRP A 184 30.76 -15.59 -0.35
C TRP A 184 30.54 -14.14 0.09
N MET A 185 30.32 -13.93 1.40
CA MET A 185 30.09 -12.57 1.90
C MET A 185 31.28 -11.64 1.70
N ARG A 186 32.49 -12.20 1.75
CA ARG A 186 33.69 -11.42 1.46
C ARG A 186 33.74 -11.03 -0.01
N GLY A 187 33.22 -11.90 -0.86
CA GLY A 187 33.22 -11.66 -2.29
C GLY A 187 32.05 -10.82 -2.79
N ASN A 188 31.33 -10.16 -1.89
CA ASN A 188 30.18 -9.35 -2.29
C ASN A 188 30.59 -8.19 -3.18
N THR A 189 29.83 -7.94 -4.24
CA THR A 189 30.16 -6.85 -5.17
C THR A 189 29.28 -5.61 -4.99
N THR A 190 28.24 -5.72 -4.16
CA THR A 190 27.23 -4.66 -4.05
C THR A 190 27.45 -3.71 -2.86
N GLY A 191 28.48 -3.95 -2.06
CA GLY A 191 28.60 -3.24 -0.80
C GLY A 191 29.68 -2.18 -0.70
N ASP A 192 30.23 -1.76 -1.84
CA ASP A 192 31.36 -0.83 -1.84
C ASP A 192 31.03 0.55 -1.23
N LYS A 193 29.80 1.03 -1.45
CA LYS A 193 29.41 2.39 -1.02
C LYS A 193 28.86 2.45 0.41
N LEU A 194 28.88 1.33 1.11
CA LEU A 194 28.16 1.21 2.36
C LEU A 194 29.11 1.01 3.55
N ILE A 195 28.97 -0.10 4.27
CA ILE A 195 29.86 -0.35 5.41
C ILE A 195 31.34 -0.24 5.01
N ARG A 196 31.72 -0.91 3.92
CA ARG A 196 33.10 -0.88 3.42
C ARG A 196 33.66 0.52 3.25
N ALA A 197 32.81 1.46 2.83
CA ALA A 197 33.25 2.83 2.59
C ALA A 197 33.42 3.64 3.87
N GLY A 198 32.83 3.17 4.97
CA GLY A 198 32.90 3.88 6.24
C GLY A 198 34.03 3.42 7.16
N LEU A 199 34.52 2.21 6.94
CA LEU A 199 35.57 1.62 7.78
C LEU A 199 36.96 2.04 7.35
N PRO A 200 37.93 1.99 8.28
CA PRO A 200 39.35 2.22 7.97
C PRO A 200 39.82 1.23 6.89
N ALA A 201 40.82 1.63 6.10
CA ALA A 201 41.18 0.92 4.86
C ALA A 201 41.49 -0.58 5.00
N GLY A 202 42.37 -0.94 5.92
CA GLY A 202 42.85 -2.31 6.02
C GLY A 202 41.90 -3.34 6.60
N TRP A 203 40.65 -2.96 6.84
CA TRP A 203 39.71 -3.88 7.48
C TRP A 203 38.98 -4.76 6.46
N ARG A 204 39.11 -6.08 6.60
CA ARG A 204 38.40 -7.04 5.74
C ARG A 204 36.94 -7.17 6.16
N VAL A 205 36.03 -7.06 5.19
CA VAL A 205 34.62 -7.24 5.49
C VAL A 205 33.93 -8.25 4.57
N GLY A 206 33.05 -9.04 5.16
CA GLY A 206 32.11 -9.85 4.41
C GLY A 206 30.76 -9.24 4.70
N ASP A 207 29.99 -8.90 3.67
CA ASP A 207 28.72 -8.23 3.93
C ASP A 207 27.56 -8.64 3.01
N LYS A 208 26.36 -8.25 3.40
CA LYS A 208 25.18 -8.45 2.57
C LYS A 208 24.28 -7.21 2.66
N THR A 209 24.00 -6.59 1.51
CA THR A 209 23.22 -5.36 1.45
C THR A 209 21.72 -5.65 1.33
N GLY A 210 20.92 -4.59 1.48
CA GLY A 210 19.51 -4.65 1.22
C GLY A 210 18.98 -3.31 0.77
N THR A 211 18.02 -3.35 -0.16
CA THR A 211 17.34 -2.17 -0.63
C THR A 211 15.86 -2.50 -0.70
N GLY A 212 15.00 -1.57 -0.30
CA GLY A 212 13.56 -1.79 -0.41
C GLY A 212 12.76 -0.51 -0.52
N SER A 213 11.45 -0.64 -0.63
CA SER A 213 10.59 0.55 -0.72
C SER A 213 10.61 1.34 0.59
N TYR A 214 9.92 2.48 0.59
CA TYR A 214 9.91 3.39 1.72
C TYR A 214 11.33 3.76 2.13
N GLY A 215 12.20 3.94 1.13
CA GLY A 215 13.56 4.37 1.36
C GLY A 215 14.33 3.47 2.30
N THR A 216 14.23 2.16 2.09
CA THR A 216 14.95 1.20 2.94
C THR A 216 16.35 0.92 2.39
N ARG A 217 17.34 0.93 3.29
CA ARG A 217 18.72 0.62 2.93
C ARG A 217 19.41 0.02 4.14
N ASN A 218 19.97 -1.18 3.96
CA ASN A 218 20.55 -1.96 5.04
C ASN A 218 21.91 -2.54 4.66
N ASP A 219 22.71 -2.91 5.66
CA ASP A 219 23.93 -3.67 5.40
C ASP A 219 24.39 -4.36 6.68
N ILE A 220 24.69 -5.64 6.56
CA ILE A 220 25.11 -6.43 7.71
C ILE A 220 26.46 -7.05 7.36
N ALA A 221 27.35 -7.13 8.33
CA ALA A 221 28.70 -7.53 8.01
C ALA A 221 29.45 -8.14 9.18
N ILE A 222 30.43 -8.97 8.85
CA ILE A 222 31.46 -9.34 9.80
C ILE A 222 32.71 -8.61 9.32
N ILE A 223 33.51 -8.12 10.25
CA ILE A 223 34.66 -7.29 9.90
C ILE A 223 35.90 -7.83 10.58
N TRP A 224 36.99 -8.01 9.83
CA TRP A 224 38.23 -8.55 10.37
C TRP A 224 39.35 -7.51 10.29
N PRO A 225 39.52 -6.71 11.34
CA PRO A 225 40.59 -5.71 11.34
C PRO A 225 41.92 -6.42 11.52
N PRO A 226 43.03 -5.85 11.00
CA PRO A 226 44.31 -6.54 11.16
C PRO A 226 44.63 -6.75 12.63
N ASN A 227 45.21 -7.89 12.95
CA ASN A 227 45.71 -8.13 14.30
C ASN A 227 44.68 -7.99 15.42
N ARG A 228 43.40 -8.13 15.10
CA ARG A 228 42.33 -8.03 16.10
C ARG A 228 41.28 -9.14 15.93
N ALA A 229 40.44 -9.31 16.96
CA ALA A 229 39.29 -10.19 16.86
C ALA A 229 38.25 -9.50 15.98
N PRO A 230 37.30 -10.26 15.40
CA PRO A 230 36.35 -9.61 14.49
C PRO A 230 35.27 -8.79 15.18
N ILE A 231 34.65 -7.92 14.40
CA ILE A 231 33.55 -7.08 14.85
C ILE A 231 32.31 -7.55 14.09
N VAL A 232 31.17 -7.65 14.76
CA VAL A 232 29.89 -7.92 14.08
C VAL A 232 29.13 -6.59 13.98
N LEU A 233 28.59 -6.29 12.80
CA LEU A 233 27.88 -5.02 12.58
C LEU A 233 26.60 -5.20 11.78
N ALA A 234 25.47 -4.85 12.39
CA ALA A 234 24.21 -4.81 11.66
C ALA A 234 23.65 -3.38 11.62
N ILE A 235 23.48 -2.84 10.42
CA ILE A 235 22.88 -1.51 10.26
C ILE A 235 21.64 -1.55 9.37
N TYR A 236 20.49 -1.17 9.94
CA TYR A 236 19.25 -1.08 9.18
C TYR A 236 18.75 0.37 9.17
N SER A 237 18.20 0.80 8.03
CA SER A 237 17.55 2.10 7.94
C SER A 237 16.30 2.01 7.05
N THR A 238 15.22 2.66 7.47
CA THR A 238 14.01 2.68 6.67
C THR A 238 13.26 4.01 6.81
N GLY A 239 12.50 4.39 5.77
CA GLY A 239 11.68 5.58 5.84
C GLY A 239 12.37 6.88 5.46
N SER A 240 13.67 6.83 5.19
CA SER A 240 14.40 8.06 4.88
C SER A 240 13.95 8.61 3.54
N THR A 241 14.26 9.88 3.31
CA THR A 241 13.90 10.55 2.06
C THR A 241 15.18 11.20 1.53
N ALA A 242 15.84 10.52 0.61
CA ALA A 242 17.17 10.90 0.15
C ALA A 242 17.45 10.13 -1.13
N ASP A 243 18.36 10.61 -1.98
CA ASP A 243 18.63 9.89 -3.24
C ASP A 243 19.49 8.65 -2.98
N ALA A 244 19.75 7.85 -4.02
CA ALA A 244 20.45 6.58 -3.84
C ALA A 244 21.85 6.82 -3.25
N LYS A 245 22.55 7.80 -3.82
CA LYS A 245 23.89 8.15 -3.38
C LYS A 245 23.96 8.49 -1.89
N GLU A 246 22.96 9.20 -1.37
CA GLU A 246 23.06 9.58 0.04
C GLU A 246 22.48 8.58 1.03
N ARG A 247 21.58 7.70 0.59
CA ARG A 247 21.24 6.56 1.45
C ARG A 247 22.50 5.74 1.67
N ASN A 248 23.28 5.51 0.61
CA ASN A 248 24.60 4.87 0.73
C ASN A 248 25.45 5.56 1.79
N ALA A 249 25.52 6.89 1.73
CA ALA A 249 26.32 7.69 2.65
C ALA A 249 25.84 7.61 4.11
N LEU A 250 24.52 7.52 4.30
CA LEU A 250 23.97 7.28 5.63
C LEU A 250 24.56 6.03 6.27
N ILE A 251 24.61 4.94 5.50
CA ILE A 251 25.06 3.67 6.04
C ILE A 251 26.55 3.72 6.31
N ALA A 252 27.30 4.25 5.36
CA ALA A 252 28.74 4.39 5.53
C ALA A 252 29.07 5.25 6.76
N GLU A 253 28.35 6.35 6.92
CA GLU A 253 28.60 7.25 8.05
C GLU A 253 28.30 6.56 9.37
N ALA A 254 27.20 5.82 9.45
CA ALA A 254 26.89 5.10 10.69
C ALA A 254 28.02 4.11 11.00
N ALA A 255 28.54 3.48 9.96
CA ALA A 255 29.65 2.54 10.12
C ALA A 255 30.87 3.27 10.65
N LYS A 256 31.09 4.47 10.12
CA LYS A 256 32.24 5.27 10.53
C LYS A 256 32.13 5.66 11.99
N ILE A 257 30.92 6.06 12.41
CA ILE A 257 30.70 6.43 13.80
C ILE A 257 30.99 5.23 14.69
N VAL A 258 30.49 4.08 14.27
CA VAL A 258 30.69 2.85 15.01
C VAL A 258 32.17 2.54 15.25
N ALA A 259 32.99 2.67 14.20
CA ALA A 259 34.41 2.37 14.34
C ALA A 259 35.11 3.35 15.31
N GLU A 260 34.61 4.58 15.40
CA GLU A 260 35.18 5.53 16.35
C GLU A 260 34.77 5.23 17.80
N ALA A 261 33.54 4.76 17.99
CA ALA A 261 32.99 4.59 19.33
C ALA A 261 33.26 3.21 19.94
N LEU A 262 33.29 2.19 19.09
CA LEU A 262 33.38 0.79 19.53
C LEU A 262 34.65 0.51 20.32
N ALA B 1 -18.99 1.19 -5.63
CA ALA B 1 -19.18 0.74 -4.26
C ALA B 1 -20.59 1.00 -3.75
N ALA B 2 -21.57 0.88 -4.64
CA ALA B 2 -22.96 1.13 -4.29
C ALA B 2 -23.47 0.16 -3.24
N ALA B 3 -23.06 -1.10 -3.33
CA ALA B 3 -23.50 -2.12 -2.39
C ALA B 3 -23.13 -1.71 -0.97
N LEU B 4 -21.92 -1.24 -0.80
CA LEU B 4 -21.44 -0.82 0.52
C LEU B 4 -22.02 0.54 0.94
N ASN B 5 -22.19 1.44 -0.02
CA ASN B 5 -22.88 2.71 0.24
C ASN B 5 -24.28 2.47 0.81
N ASP B 6 -24.96 1.47 0.25
CA ASP B 6 -26.29 1.07 0.71
C ASP B 6 -26.28 0.71 2.20
N GLU B 7 -25.26 -0.04 2.61
CA GLU B 7 -25.17 -0.49 3.99
C GLU B 7 -24.96 0.68 4.96
N PHE B 8 -24.03 1.58 4.61
CA PHE B 8 -23.75 2.78 5.42
C PHE B 8 -24.98 3.71 5.46
N ALA B 9 -25.67 3.80 4.33
CA ALA B 9 -26.91 4.58 4.26
C ALA B 9 -28.00 3.98 5.13
N ALA B 10 -27.96 2.65 5.31
CA ALA B 10 -28.96 2.00 6.16
C ALA B 10 -28.67 2.35 7.62
N LEU B 11 -27.39 2.41 7.98
CA LEU B 11 -27.02 2.81 9.34
C LEU B 11 -27.50 4.22 9.61
N GLU B 12 -27.27 5.13 8.66
CA GLU B 12 -27.74 6.50 8.76
C GLU B 12 -29.23 6.57 8.98
N LYS B 13 -29.98 5.72 8.27
CA LYS B 13 -31.44 5.74 8.42
C LYS B 13 -31.82 5.17 9.78
N GLN B 14 -31.08 4.17 10.23
CA GLN B 14 -31.40 3.53 11.51
C GLN B 14 -31.18 4.48 12.68
N TYR B 15 -30.01 5.12 12.70
CA TYR B 15 -29.61 5.97 13.81
C TYR B 15 -29.95 7.46 13.62
N GLY B 16 -30.17 7.87 12.38
CA GLY B 16 -30.38 9.29 12.08
C GLY B 16 -29.05 9.93 11.73
N GLY B 17 -29.08 11.14 11.18
CA GLY B 17 -27.86 11.88 10.98
C GLY B 17 -26.96 11.42 9.84
N ARG B 18 -25.68 11.76 9.96
CA ARG B 18 -24.71 11.60 8.88
C ARG B 18 -23.54 10.75 9.37
N LEU B 19 -23.06 9.82 8.54
CA LEU B 19 -21.94 8.96 8.90
C LEU B 19 -20.82 9.09 7.86
N GLY B 20 -19.59 9.32 8.33
CA GLY B 20 -18.45 9.41 7.43
C GLY B 20 -17.37 8.40 7.77
N VAL B 21 -16.91 7.69 6.75
CA VAL B 21 -15.93 6.64 6.93
C VAL B 21 -14.83 6.80 5.90
N TYR B 22 -13.57 6.79 6.34
CA TYR B 22 -12.46 6.53 5.44
C TYR B 22 -11.59 5.44 6.04
N ALA B 23 -11.27 4.43 5.24
CA ALA B 23 -10.41 3.38 5.71
C ALA B 23 -9.43 3.00 4.62
N LEU B 24 -8.18 2.79 5.02
CA LEU B 24 -7.13 2.35 4.11
C LEU B 24 -6.43 1.14 4.72
N ASP B 25 -6.31 0.06 3.95
CA ASP B 25 -5.47 -1.06 4.34
C ASP B 25 -4.12 -0.86 3.66
N THR B 26 -3.10 -0.51 4.43
CA THR B 26 -1.79 -0.19 3.86
C THR B 26 -1.10 -1.38 3.18
N GLY B 27 -1.51 -2.59 3.52
CA GLY B 27 -0.93 -3.78 2.89
C GLY B 27 -1.46 -4.11 1.50
N THR B 28 -2.60 -3.52 1.13
CA THR B 28 -3.17 -3.78 -0.20
C THR B 28 -3.48 -2.49 -0.96
N GLY B 29 -3.46 -1.36 -0.27
CA GLY B 29 -3.87 -0.11 -0.87
C GLY B 29 -5.38 0.06 -1.04
N ARG B 30 -6.16 -0.95 -0.69
CA ARG B 30 -7.62 -0.88 -0.85
C ARG B 30 -8.22 0.12 0.15
N THR B 31 -9.25 0.83 -0.27
CA THR B 31 -9.88 1.84 0.59
C THR B 31 -11.38 1.67 0.66
N ILE B 32 -11.97 2.30 1.67
CA ILE B 32 -13.42 2.45 1.79
C ILE B 32 -13.67 3.93 2.04
N ALA B 33 -14.54 4.54 1.24
CA ALA B 33 -14.87 5.96 1.41
C ALA B 33 -16.39 6.14 1.37
N TYR B 34 -16.96 6.68 2.44
CA TYR B 34 -18.38 7.05 2.45
C TYR B 34 -18.50 8.44 3.09
N ARG B 35 -18.94 9.42 2.30
CA ARG B 35 -18.91 10.83 2.72
C ARG B 35 -17.49 11.25 3.18
N ALA B 36 -16.46 10.63 2.60
CA ALA B 36 -15.10 10.81 3.07
C ALA B 36 -14.58 12.23 2.88
N ASP B 37 -15.22 12.98 1.98
CA ASP B 37 -14.80 14.35 1.70
C ASP B 37 -15.77 15.39 2.23
N GLU B 38 -16.72 14.95 3.06
CA GLU B 38 -17.62 15.89 3.71
C GLU B 38 -17.02 16.28 5.05
N ARG B 39 -17.24 17.53 5.46
CA ARG B 39 -16.77 18.00 6.76
C ARG B 39 -17.63 17.49 7.90
N PHE B 40 -16.96 17.10 8.98
CA PHE B 40 -17.62 16.67 10.21
C PHE B 40 -16.90 17.38 11.34
N PRO B 41 -17.63 17.72 12.42
CA PRO B 41 -16.99 18.30 13.62
C PRO B 41 -16.00 17.31 14.25
N MET B 42 -14.80 17.79 14.55
CA MET B 42 -13.77 16.92 15.12
C MET B 42 -14.08 16.50 16.54
N CYS B 43 -14.55 17.45 17.33
CA CYS B 43 -14.64 17.29 18.77
C CYS B 43 -13.30 16.81 19.31
N SER B 44 -13.31 15.88 20.25
CA SER B 44 -12.09 15.48 20.96
C SER B 44 -11.03 14.77 20.10
N THR B 45 -11.33 14.47 18.85
CA THR B 45 -10.34 13.79 18.01
C THR B 45 -9.14 14.69 17.73
N PHE B 46 -9.33 16.00 17.87
CA PHE B 46 -8.24 16.94 17.67
C PHE B 46 -7.12 16.79 18.69
N LYS B 47 -7.43 16.17 19.83
CA LYS B 47 -6.52 16.18 20.97
C LYS B 47 -5.24 15.40 20.66
N ALA B 48 -5.35 14.41 19.79
CA ALA B 48 -4.21 13.63 19.36
C ALA B 48 -3.34 14.49 18.47
N LEU B 49 -3.98 15.38 17.72
CA LEU B 49 -3.26 16.29 16.83
C LEU B 49 -2.57 17.36 17.65
N ALA B 50 -3.19 17.73 18.78
CA ALA B 50 -2.63 18.74 19.67
C ALA B 50 -1.38 18.19 20.34
N ALA B 51 -1.42 16.94 20.72
CA ALA B 51 -0.26 16.28 21.30
C ALA B 51 0.83 16.22 20.25
N ALA B 52 0.45 15.85 19.03
CA ALA B 52 1.41 15.71 17.94
C ALA B 52 2.19 17.00 17.73
N ALA B 53 1.47 18.12 17.71
CA ALA B 53 2.10 19.43 17.51
C ALA B 53 3.13 19.77 18.59
N VAL B 54 2.84 19.35 19.83
CA VAL B 54 3.79 19.54 20.93
C VAL B 54 5.03 18.68 20.69
N LEU B 55 4.81 17.45 20.23
CA LEU B 55 5.90 16.53 19.89
C LEU B 55 6.76 17.10 18.75
N ALA B 56 6.11 17.72 17.77
CA ALA B 56 6.83 18.35 16.66
C ALA B 56 7.74 19.46 17.17
N GLN B 57 7.30 20.16 18.21
CA GLN B 57 8.10 21.23 18.80
C GLN B 57 9.29 20.65 19.56
N VAL B 58 9.07 19.51 20.20
CA VAL B 58 10.16 18.80 20.88
C VAL B 58 11.17 18.32 19.86
N ASP B 59 10.68 17.78 18.74
CA ASP B 59 11.55 17.31 17.67
C ASP B 59 12.45 18.45 17.20
N ALA B 60 11.87 19.65 17.17
CA ALA B 60 12.56 20.83 16.67
C ALA B 60 13.53 21.40 17.68
N GLY B 61 13.57 20.83 18.87
CA GLY B 61 14.46 21.28 19.92
C GLY B 61 13.92 22.48 20.66
N LYS B 62 12.69 22.87 20.33
CA LYS B 62 12.08 24.08 20.90
C LYS B 62 11.30 23.81 22.18
N GLU B 63 11.32 22.55 22.63
CA GLU B 63 10.44 22.14 23.73
C GLU B 63 10.90 20.84 24.38
N SER B 64 10.66 20.71 25.69
CA SER B 64 10.87 19.44 26.39
C SER B 64 9.55 18.86 26.90
N LEU B 65 9.40 17.54 26.82
CA LEU B 65 8.20 16.88 27.36
C LEU B 65 8.22 16.87 28.89
N ASP B 66 9.42 17.03 29.46
CA ASP B 66 9.60 17.08 30.91
C ASP B 66 9.20 18.44 31.49
N ARG B 67 8.94 19.42 30.63
CA ARG B 67 8.70 20.77 31.14
C ARG B 67 7.42 20.83 31.97
N ARG B 68 7.51 21.48 33.13
CA ARG B 68 6.39 21.58 34.06
C ARG B 68 5.47 22.76 33.77
N ILE B 69 4.19 22.46 33.55
CA ILE B 69 3.19 23.48 33.24
C ILE B 69 2.34 23.81 34.48
N THR B 70 2.41 25.07 34.91
CA THR B 70 1.59 25.56 36.02
C THR B 70 0.27 26.12 35.49
N TYR B 71 -0.84 25.73 36.12
CA TYR B 71 -2.16 26.26 35.77
C TYR B 71 -3.01 26.56 37.00
N THR B 72 -4.06 27.35 36.82
CA THR B 72 -4.96 27.70 37.93
C THR B 72 -6.36 27.13 37.71
N LYS B 73 -7.25 27.39 38.67
CA LYS B 73 -8.64 26.98 38.53
C LYS B 73 -9.32 27.68 37.35
N ASP B 74 -8.75 28.81 36.95
CA ASP B 74 -9.25 29.57 35.81
C ASP B 74 -9.06 28.84 34.47
N ASP B 75 -8.19 27.83 34.45
CA ASP B 75 -7.99 27.04 33.23
C ASP B 75 -8.92 25.84 33.20
N LEU B 76 -9.53 25.54 34.34
CA LEU B 76 -10.39 24.37 34.48
C LEU B 76 -11.68 24.46 33.68
N VAL B 77 -11.89 23.46 32.83
CA VAL B 77 -13.09 23.32 32.04
C VAL B 77 -13.69 21.95 32.37
N ASP B 78 -14.98 21.73 32.13
CA ASP B 78 -15.61 20.44 32.42
C ASP B 78 -14.89 19.28 31.73
N TYR B 79 -15.19 18.05 32.18
CA TYR B 79 -14.58 16.84 31.63
C TYR B 79 -13.05 16.91 31.65
N SER B 80 -12.50 17.02 32.85
CA SER B 80 -11.05 17.07 33.00
C SER B 80 -10.61 16.22 34.19
N PRO B 81 -10.87 14.90 34.12
CA PRO B 81 -10.68 14.00 35.27
C PRO B 81 -9.24 13.94 35.81
N VAL B 82 -8.26 14.23 34.96
CA VAL B 82 -6.85 14.21 35.37
C VAL B 82 -6.33 15.57 35.84
N THR B 83 -6.56 16.61 35.04
CA THR B 83 -6.12 17.97 35.39
C THR B 83 -6.85 18.52 36.63
N GLU B 84 -8.00 17.94 36.93
CA GLU B 84 -8.81 18.28 38.12
C GLU B 84 -7.99 18.17 39.40
N LYS B 85 -7.01 17.27 39.40
CA LYS B 85 -6.36 16.85 40.64
C LYS B 85 -4.99 17.48 40.87
N HIS B 86 -4.53 18.30 39.92
CA HIS B 86 -3.15 18.76 39.97
C HIS B 86 -2.98 20.27 39.76
N VAL B 87 -3.94 21.05 40.21
CA VAL B 87 -3.82 22.51 40.13
C VAL B 87 -2.62 22.96 40.95
N GLY B 88 -2.47 22.37 42.14
CA GLY B 88 -1.40 22.73 43.05
C GLY B 88 -0.01 22.48 42.51
N THR B 89 0.20 21.31 41.90
CA THR B 89 1.52 20.90 41.43
C THR B 89 1.75 21.17 39.95
N GLY B 90 0.66 21.30 39.21
CA GLY B 90 0.75 21.35 37.76
C GLY B 90 1.09 19.97 37.23
N MET B 91 1.32 19.88 35.92
CA MET B 91 1.66 18.63 35.26
C MET B 91 2.74 18.87 34.20
N THR B 92 3.46 17.82 33.81
CA THR B 92 4.43 17.97 32.73
C THR B 92 3.72 17.91 31.38
N LEU B 93 4.40 18.39 30.34
CA LEU B 93 3.87 18.30 28.98
C LEU B 93 3.52 16.86 28.61
N ALA B 94 4.40 15.93 29.01
CA ALA B 94 4.17 14.50 28.83
C ALA B 94 2.84 14.06 29.45
N GLU B 95 2.67 14.38 30.73
CA GLU B 95 1.45 14.05 31.46
C GLU B 95 0.19 14.66 30.82
N LEU B 96 0.31 15.89 30.35
CA LEU B 96 -0.81 16.57 29.69
C LEU B 96 -1.20 15.90 28.37
N CYS B 97 -0.21 15.52 27.58
CA CYS B 97 -0.49 14.80 26.33
C CYS B 97 -1.16 13.48 26.63
N GLU B 98 -0.61 12.76 27.62
CA GLU B 98 -1.16 11.47 27.99
C GLU B 98 -2.61 11.59 28.45
N ALA B 99 -2.88 12.62 29.25
CA ALA B 99 -4.21 12.81 29.80
C ALA B 99 -5.19 13.26 28.73
N ALA B 100 -4.72 14.13 27.85
CA ALA B 100 -5.56 14.65 26.79
C ALA B 100 -5.95 13.56 25.81
N ILE B 101 -5.05 12.59 25.62
CA ILE B 101 -5.33 11.48 24.71
C ILE B 101 -6.10 10.33 25.36
N THR B 102 -5.56 9.81 26.46
CA THR B 102 -6.07 8.57 27.07
C THR B 102 -7.34 8.76 27.91
N TYR B 103 -7.55 9.97 28.41
CA TYR B 103 -8.75 10.30 29.19
C TYR B 103 -9.56 11.43 28.56
N SER B 104 -9.14 11.85 27.37
CA SER B 104 -9.81 12.93 26.65
C SER B 104 -10.00 14.16 27.54
N ASP B 105 -9.01 14.40 28.39
CA ASP B 105 -9.06 15.51 29.36
C ASP B 105 -9.13 16.86 28.65
N ASN B 106 -10.18 17.63 28.92
CA ASN B 106 -10.43 18.89 28.21
C ASN B 106 -9.50 20.04 28.57
N THR B 107 -9.19 20.16 29.85
CA THR B 107 -8.26 21.19 30.32
C THR B 107 -6.85 20.89 29.82
N ALA B 108 -6.45 19.63 29.82
CA ALA B 108 -5.13 19.25 29.33
C ALA B 108 -4.98 19.70 27.87
N ALA B 109 -6.03 19.43 27.08
CA ALA B 109 -6.04 19.81 25.67
C ALA B 109 -5.84 21.31 25.48
N ASN B 110 -6.55 22.11 26.27
CA ASN B 110 -6.43 23.56 26.17
C ASN B 110 -5.02 24.05 26.51
N LEU B 111 -4.42 23.43 27.51
CA LEU B 111 -3.06 23.76 27.90
C LEU B 111 -2.07 23.38 26.79
N LEU B 112 -2.34 22.28 26.09
CA LEU B 112 -1.49 21.91 24.95
C LEU B 112 -1.62 22.96 23.85
N LEU B 113 -2.84 23.44 23.63
CA LEU B 113 -3.10 24.52 22.69
C LEU B 113 -2.35 25.80 23.10
N ASP B 114 -2.28 26.05 24.41
CA ASP B 114 -1.59 27.23 24.90
C ASP B 114 -0.11 27.23 24.54
N GLU B 115 0.50 26.05 24.52
CA GLU B 115 1.94 25.93 24.27
C GLU B 115 2.26 25.93 22.78
N ILE B 116 1.21 25.96 21.98
CA ILE B 116 1.29 25.60 20.58
C ILE B 116 0.81 26.75 19.69
N GLY B 117 0.29 27.80 20.32
CA GLY B 117 -0.22 28.94 19.58
C GLY B 117 -1.72 28.88 19.33
N GLY B 118 -2.44 28.16 20.19
CA GLY B 118 -3.88 28.07 20.11
C GLY B 118 -4.38 27.37 18.86
N PRO B 119 -5.69 27.49 18.57
CA PRO B 119 -6.29 26.89 17.38
C PRO B 119 -5.56 27.26 16.09
N LYS B 120 -5.21 28.54 15.94
CA LYS B 120 -4.45 29.01 14.78
C LYS B 120 -3.10 28.31 14.68
N GLY B 121 -2.43 28.14 15.82
CA GLY B 121 -1.16 27.43 15.87
C GLY B 121 -1.28 25.98 15.45
N LEU B 122 -2.26 25.26 16.01
CA LEU B 122 -2.47 23.85 15.65
C LEU B 122 -2.84 23.71 14.18
N THR B 123 -3.73 24.58 13.71
CA THR B 123 -4.10 24.57 12.29
C THR B 123 -2.87 24.78 11.42
N ALA B 124 -2.06 25.77 11.78
CA ALA B 124 -0.83 26.04 11.05
C ALA B 124 0.10 24.81 11.02
N PHE B 125 0.23 24.10 12.13
CA PHE B 125 1.05 22.89 12.15
C PHE B 125 0.53 21.82 11.18
N LEU B 126 -0.79 21.69 11.09
CA LEU B 126 -1.39 20.74 10.17
C LEU B 126 -1.14 21.07 8.70
N ARG B 127 -1.16 22.36 8.36
CA ARG B 127 -0.78 22.79 7.02
C ARG B 127 0.66 22.37 6.73
N SER B 128 1.53 22.53 7.72
CA SER B 128 2.96 22.23 7.57
C SER B 128 3.22 20.76 7.28
N ILE B 129 2.32 19.88 7.68
CA ILE B 129 2.48 18.46 7.36
C ILE B 129 1.54 17.98 6.26
N GLY B 130 1.05 18.92 5.46
CA GLY B 130 0.29 18.55 4.27
C GLY B 130 -1.21 18.47 4.40
N ASP B 131 -1.75 18.80 5.58
CA ASP B 131 -3.21 18.78 5.77
C ASP B 131 -3.79 20.17 5.51
N ASP B 132 -4.39 20.34 4.33
CA ASP B 132 -4.98 21.62 3.95
C ASP B 132 -6.50 21.65 4.17
N VAL B 133 -7.01 20.68 4.93
CA VAL B 133 -8.45 20.54 5.10
C VAL B 133 -8.89 20.77 6.53
N THR B 134 -8.24 20.08 7.45
CA THR B 134 -8.61 20.12 8.86
C THR B 134 -8.40 21.53 9.38
N ARG B 135 -9.29 21.98 10.27
CA ARG B 135 -9.13 23.30 10.87
C ARG B 135 -9.67 23.33 12.29
N LEU B 136 -8.89 23.91 13.20
CA LEU B 136 -9.38 24.16 14.56
C LEU B 136 -9.52 25.65 14.74
N ASP B 137 -10.67 26.08 15.27
CA ASP B 137 -10.94 27.51 15.40
C ASP B 137 -11.22 27.95 16.83
N ARG B 138 -11.74 27.03 17.65
CA ARG B 138 -12.10 27.40 19.02
C ARG B 138 -11.44 26.46 20.02
N TRP B 139 -11.57 26.79 21.30
CA TRP B 139 -11.00 26.00 22.38
C TRP B 139 -12.08 25.13 23.02
N GLU B 140 -11.67 24.31 23.99
CA GLU B 140 -12.64 23.57 24.80
C GLU B 140 -13.29 24.53 25.79
N PRO B 141 -14.61 24.42 25.97
CA PRO B 141 -15.48 23.43 25.33
C PRO B 141 -16.28 23.96 24.12
N GLU B 142 -16.06 25.20 23.70
CA GLU B 142 -16.84 25.79 22.61
C GLU B 142 -16.71 25.07 21.27
N LEU B 143 -15.58 24.41 21.06
CA LEU B 143 -15.33 23.68 19.81
C LEU B 143 -16.27 22.49 19.59
N ASN B 144 -17.03 22.09 20.61
CA ASN B 144 -17.90 20.91 20.50
C ASN B 144 -19.32 21.24 20.03
N GLU B 145 -19.53 22.49 19.63
CA GLU B 145 -20.86 22.97 19.25
C GLU B 145 -21.50 22.18 18.10
N ALA B 146 -20.69 21.83 17.10
CA ALA B 146 -21.12 20.95 16.01
C ALA B 146 -22.29 21.47 15.19
N LEU B 147 -22.34 22.79 15.00
N LEU B 147 -22.33 22.79 14.98
CA LEU B 147 -23.37 23.42 14.19
CA LEU B 147 -23.37 23.42 14.18
C LEU B 147 -23.34 22.91 12.74
C LEU B 147 -23.35 22.94 12.73
N PRO B 148 -24.49 22.40 12.24
CA PRO B 148 -24.59 21.93 10.85
C PRO B 148 -24.22 23.02 9.84
N GLY B 149 -23.39 22.68 8.86
CA GLY B 149 -22.96 23.64 7.86
C GLY B 149 -21.82 24.56 8.30
N ASP B 150 -21.39 24.44 9.56
CA ASP B 150 -20.30 25.28 10.07
C ASP B 150 -18.96 24.58 9.92
N PRO B 151 -18.03 25.20 9.17
CA PRO B 151 -16.70 24.62 8.94
C PRO B 151 -15.74 24.76 10.13
N ARG B 152 -16.13 25.54 11.14
CA ARG B 152 -15.31 25.71 12.33
C ARG B 152 -15.04 24.37 13.02
N ASP B 153 -13.79 24.14 13.38
CA ASP B 153 -13.42 22.97 14.17
C ASP B 153 -13.77 21.64 13.48
N THR B 154 -13.59 21.58 12.16
CA THR B 154 -13.96 20.40 11.40
C THR B 154 -12.79 19.74 10.68
N THR B 155 -13.00 18.50 10.26
CA THR B 155 -12.10 17.79 9.37
C THR B 155 -12.96 17.00 8.38
N THR B 156 -12.32 16.28 7.47
CA THR B 156 -13.02 15.27 6.67
C THR B 156 -12.44 13.91 7.04
N PRO B 157 -13.24 12.84 6.89
CA PRO B 157 -12.67 11.55 7.26
C PRO B 157 -11.41 11.24 6.44
N ALA B 158 -11.38 11.60 5.16
CA ALA B 158 -10.21 11.33 4.33
C ALA B 158 -8.98 12.13 4.78
N ALA B 159 -9.18 13.39 5.16
CA ALA B 159 -8.05 14.21 5.57
C ALA B 159 -7.50 13.75 6.90
N MET B 160 -8.38 13.48 7.87
CA MET B 160 -7.93 13.03 9.17
C MET B 160 -7.17 11.71 9.07
N ALA B 161 -7.64 10.83 8.18
CA ALA B 161 -6.96 9.55 8.00
C ALA B 161 -5.55 9.73 7.44
N ALA B 162 -5.43 10.54 6.40
CA ALA B 162 -4.12 10.82 5.81
C ALA B 162 -3.18 11.45 6.84
N THR B 163 -3.73 12.36 7.64
CA THR B 163 -2.94 13.04 8.65
C THR B 163 -2.51 12.09 9.75
N LEU B 164 -3.43 11.23 10.18
CA LEU B 164 -3.12 10.23 11.20
C LEU B 164 -2.06 9.27 10.67
N ARG B 165 -2.14 8.97 9.36
CA ARG B 165 -1.14 8.11 8.74
C ARG B 165 0.24 8.76 8.77
N ALA B 166 0.29 10.06 8.44
CA ALA B 166 1.56 10.78 8.37
C ALA B 166 2.22 10.82 9.74
N LEU B 167 1.39 11.00 10.77
CA LEU B 167 1.86 11.16 12.14
C LEU B 167 2.38 9.86 12.75
N LEU B 168 1.63 8.77 12.57
CA LEU B 168 1.89 7.50 13.25
C LEU B 168 2.61 6.45 12.41
N LEU B 169 2.60 6.63 11.09
CA LEU B 169 3.26 5.66 10.20
C LEU B 169 4.30 6.31 9.28
N GLY B 170 4.02 7.54 8.84
CA GLY B 170 4.93 8.24 7.96
C GLY B 170 5.96 9.07 8.73
N ASP B 171 6.47 10.12 8.10
CA ASP B 171 7.64 10.83 8.65
C ASP B 171 7.38 12.24 9.16
N ALA B 172 6.13 12.55 9.50
CA ALA B 172 5.82 13.88 10.04
C ALA B 172 6.55 14.13 11.36
N LEU B 173 6.71 13.08 12.15
CA LEU B 173 7.33 13.20 13.47
C LEU B 173 8.60 12.36 13.54
N SER B 174 9.45 12.65 14.52
CA SER B 174 10.66 11.85 14.73
C SER B 174 10.24 10.43 15.12
N PRO B 175 11.18 9.46 14.96
CA PRO B 175 10.83 8.10 15.36
C PRO B 175 10.44 8.03 16.83
N ALA B 176 11.14 8.76 17.70
CA ALA B 176 10.76 8.81 19.11
C ALA B 176 9.33 9.34 19.32
N SER B 177 9.02 10.49 18.73
CA SER B 177 7.70 11.09 18.88
C SER B 177 6.59 10.21 18.29
N ARG B 178 6.84 9.66 17.11
CA ARG B 178 5.92 8.75 16.45
C ARG B 178 5.57 7.56 17.35
N ALA B 179 6.57 7.03 18.03
CA ALA B 179 6.37 5.88 18.91
C ALA B 179 5.65 6.31 20.17
N GLN B 180 5.95 7.51 20.65
CA GLN B 180 5.28 8.06 21.83
C GLN B 180 3.78 8.33 21.59
N LEU B 181 3.48 8.92 20.45
CA LEU B 181 2.09 9.17 20.06
C LEU B 181 1.37 7.84 19.85
N THR B 182 2.11 6.85 19.36
CA THR B 182 1.57 5.51 19.18
C THR B 182 1.15 4.89 20.53
N ASP B 183 2.04 5.00 21.52
CA ASP B 183 1.80 4.42 22.83
C ASP B 183 0.62 5.05 23.55
N TRP B 184 0.53 6.37 23.47
CA TRP B 184 -0.55 7.11 24.10
C TRP B 184 -1.88 6.65 23.52
N MET B 185 -1.95 6.57 22.19
CA MET B 185 -3.18 6.19 21.53
C MET B 185 -3.54 4.72 21.78
N ARG B 186 -2.51 3.87 21.90
CA ARG B 186 -2.75 2.47 22.28
C ARG B 186 -3.27 2.41 23.70
N GLY B 187 -2.85 3.36 24.53
CA GLY B 187 -3.27 3.40 25.93
C GLY B 187 -4.60 4.08 26.21
N ASN B 188 -5.37 4.40 25.16
CA ASN B 188 -6.65 5.08 25.37
C ASN B 188 -7.67 4.26 26.16
N THR B 189 -8.36 4.91 27.09
CA THR B 189 -9.33 4.22 27.96
C THR B 189 -10.79 4.49 27.63
N THR B 190 -11.03 5.41 26.70
CA THR B 190 -12.39 5.85 26.39
C THR B 190 -13.01 5.13 25.20
N GLY B 191 -12.26 4.23 24.58
CA GLY B 191 -12.67 3.69 23.29
C GLY B 191 -13.15 2.25 23.25
N ASP B 192 -13.39 1.64 24.41
CA ASP B 192 -13.71 0.21 24.45
C ASP B 192 -15.00 -0.18 23.70
N LYS B 193 -15.96 0.73 23.63
CA LYS B 193 -17.26 0.44 23.03
C LYS B 193 -17.38 0.86 21.56
N LEU B 194 -16.29 1.38 21.01
CA LEU B 194 -16.32 1.97 19.67
C LEU B 194 -15.64 1.06 18.64
N ILE B 195 -14.67 1.59 17.92
CA ILE B 195 -13.93 0.80 16.94
C ILE B 195 -13.42 -0.52 17.53
N ARG B 196 -12.83 -0.46 18.72
CA ARG B 196 -12.32 -1.66 19.40
C ARG B 196 -13.38 -2.75 19.54
N ALA B 197 -14.62 -2.36 19.76
CA ALA B 197 -15.68 -3.34 19.97
C ALA B 197 -16.17 -3.94 18.67
N GLY B 198 -15.77 -3.34 17.54
CA GLY B 198 -16.20 -3.80 16.23
C GLY B 198 -15.20 -4.67 15.50
N LEU B 199 -13.93 -4.61 15.91
CA LEU B 199 -12.84 -5.32 15.25
C LEU B 199 -12.67 -6.73 15.80
N PRO B 200 -12.13 -7.65 14.98
CA PRO B 200 -11.93 -9.00 15.51
C PRO B 200 -10.97 -8.96 16.68
N ALA B 201 -11.10 -9.95 17.57
CA ALA B 201 -10.21 -10.06 18.71
C ALA B 201 -8.77 -10.24 18.21
N GLY B 202 -7.82 -9.59 18.87
CA GLY B 202 -6.42 -9.81 18.53
C GLY B 202 -5.81 -8.65 17.77
N TRP B 203 -6.66 -7.86 17.12
CA TRP B 203 -6.20 -6.70 16.39
C TRP B 203 -5.86 -5.58 17.39
N ARG B 204 -4.60 -5.15 17.40
CA ARG B 204 -4.19 -4.08 18.31
C ARG B 204 -4.61 -2.72 17.78
N VAL B 205 -5.16 -1.90 18.67
CA VAL B 205 -5.76 -0.63 18.28
C VAL B 205 -5.17 0.54 19.04
N GLY B 206 -4.86 1.62 18.33
CA GLY B 206 -4.58 2.90 18.96
C GLY B 206 -5.62 3.90 18.49
N ASP B 207 -6.35 4.52 19.41
CA ASP B 207 -7.46 5.36 18.96
C ASP B 207 -7.66 6.64 19.75
N LYS B 208 -8.44 7.56 19.18
CA LYS B 208 -8.90 8.75 19.89
C LYS B 208 -10.39 8.95 19.60
N THR B 209 -11.19 9.07 20.65
CA THR B 209 -12.63 9.25 20.51
C THR B 209 -13.02 10.72 20.46
N GLY B 210 -14.27 10.97 20.08
CA GLY B 210 -14.87 12.29 20.21
C GLY B 210 -16.36 12.19 20.50
N THR B 211 -16.87 13.16 21.25
CA THR B 211 -18.29 13.29 21.54
C THR B 211 -18.61 14.79 21.57
N GLY B 212 -19.78 15.18 21.06
CA GLY B 212 -20.19 16.57 21.09
C GLY B 212 -21.67 16.74 20.84
N SER B 213 -22.10 17.99 20.68
CA SER B 213 -23.51 18.31 20.48
C SER B 213 -24.03 17.84 19.12
N TYR B 214 -25.33 17.99 18.93
CA TYR B 214 -26.02 17.47 17.74
C TYR B 214 -25.69 15.99 17.55
N GLY B 215 -25.45 15.30 18.66
CA GLY B 215 -25.30 13.85 18.64
C GLY B 215 -24.03 13.38 17.93
N THR B 216 -22.99 14.20 18.00
CA THR B 216 -21.72 13.89 17.37
C THR B 216 -21.00 12.80 18.15
N ARG B 217 -20.48 11.81 17.42
CA ARG B 217 -19.72 10.71 18.03
C ARG B 217 -18.76 10.17 16.98
N ASN B 218 -17.48 10.18 17.33
CA ASN B 218 -16.40 9.85 16.40
C ASN B 218 -15.40 8.88 17.01
N ASP B 219 -14.60 8.25 16.16
CA ASP B 219 -13.44 7.49 16.62
C ASP B 219 -12.48 7.34 15.45
N ILE B 220 -11.19 7.59 15.70
CA ILE B 220 -10.18 7.44 14.66
C ILE B 220 -9.10 6.51 15.20
N ALA B 221 -8.53 5.68 14.34
CA ALA B 221 -7.61 4.66 14.83
C ALA B 221 -6.58 4.21 13.82
N ILE B 222 -5.44 3.77 14.33
CA ILE B 222 -4.54 2.91 13.58
C ILE B 222 -4.77 1.53 14.14
N ILE B 223 -4.75 0.51 13.29
CA ILE B 223 -5.07 -0.85 13.70
C ILE B 223 -3.96 -1.76 13.22
N TRP B 224 -3.43 -2.60 14.12
CA TRP B 224 -2.36 -3.54 13.79
C TRP B 224 -2.81 -4.98 13.94
N PRO B 225 -3.27 -5.61 12.84
CA PRO B 225 -3.64 -7.02 12.90
C PRO B 225 -2.39 -7.88 12.89
N PRO B 226 -2.43 -9.07 13.51
CA PRO B 226 -1.28 -9.98 13.49
C PRO B 226 -0.83 -10.27 12.06
N ASN B 227 0.48 -10.31 11.82
CA ASN B 227 1.01 -10.73 10.54
C ASN B 227 0.58 -9.91 9.32
N ARG B 228 0.13 -8.68 9.57
CA ARG B 228 -0.37 -7.81 8.50
C ARG B 228 0.14 -6.38 8.64
N ALA B 229 0.17 -5.66 7.53
CA ALA B 229 0.41 -4.21 7.54
C ALA B 229 -0.77 -3.50 8.20
N PRO B 230 -0.52 -2.32 8.79
CA PRO B 230 -1.62 -1.67 9.52
C PRO B 230 -2.73 -1.10 8.65
N ILE B 231 -3.86 -0.82 9.30
CA ILE B 231 -5.05 -0.24 8.69
C ILE B 231 -5.29 1.11 9.33
N VAL B 232 -5.63 2.11 8.51
CA VAL B 232 -6.02 3.41 9.04
C VAL B 232 -7.54 3.54 8.93
N LEU B 233 -8.19 3.95 10.02
CA LEU B 233 -9.65 4.06 10.04
C LEU B 233 -10.15 5.32 10.75
N ALA B 234 -10.82 6.18 10.00
CA ALA B 234 -11.46 7.37 10.56
C ALA B 234 -12.97 7.25 10.41
N ILE B 235 -13.70 7.30 11.52
CA ILE B 235 -15.16 7.24 11.48
C ILE B 235 -15.78 8.40 12.24
N TYR B 236 -16.48 9.26 11.52
CA TYR B 236 -17.19 10.39 12.12
C TYR B 236 -18.70 10.24 11.93
N SER B 237 -19.47 10.67 12.92
CA SER B 237 -20.93 10.69 12.80
C SER B 237 -21.47 11.92 13.52
N THR B 238 -22.50 12.53 12.94
CA THR B 238 -23.13 13.67 13.58
C THR B 238 -24.60 13.77 13.16
N GLY B 239 -25.43 14.32 14.03
CA GLY B 239 -26.86 14.44 13.75
C GLY B 239 -27.72 13.24 14.13
N SER B 240 -27.12 12.21 14.71
CA SER B 240 -27.82 11.01 15.14
CA SER B 240 -27.88 11.03 15.08
C SER B 240 -28.78 11.34 16.28
N THR B 241 -29.89 10.61 16.35
CA THR B 241 -30.82 10.76 17.47
C THR B 241 -30.96 9.39 18.12
N ALA B 242 -30.21 9.19 19.20
CA ALA B 242 -30.03 7.88 19.80
C ALA B 242 -29.34 8.03 21.16
N ASP B 243 -29.56 7.09 22.08
CA ASP B 243 -28.93 7.22 23.40
C ASP B 243 -27.42 6.95 23.33
N ALA B 244 -26.74 6.99 24.47
CA ALA B 244 -25.28 6.92 24.45
C ALA B 244 -24.81 5.54 23.98
N LYS B 245 -25.42 4.50 24.55
CA LYS B 245 -25.10 3.11 24.23
C LYS B 245 -25.23 2.81 22.74
N GLU B 246 -26.20 3.43 22.08
CA GLU B 246 -26.41 3.08 20.68
C GLU B 246 -25.57 3.90 19.70
N ARG B 247 -25.17 5.12 20.08
CA ARG B 247 -24.22 5.85 19.25
C ARG B 247 -22.91 5.10 19.26
N ASN B 248 -22.56 4.54 20.42
CA ASN B 248 -21.40 3.64 20.48
C ASN B 248 -21.55 2.49 19.49
N ALA B 249 -22.71 1.85 19.50
CA ALA B 249 -22.97 0.69 18.64
C ALA B 249 -22.90 1.04 17.16
N LEU B 250 -23.32 2.25 16.82
CA LEU B 250 -23.22 2.73 15.44
C LEU B 250 -21.77 2.74 14.98
N ILE B 251 -20.87 3.21 15.84
CA ILE B 251 -19.46 3.32 15.48
C ILE B 251 -18.81 1.93 15.36
N ALA B 252 -19.02 1.07 16.36
CA ALA B 252 -18.51 -0.29 16.30
C ALA B 252 -19.04 -1.05 15.07
N GLU B 253 -20.32 -0.87 14.76
CA GLU B 253 -20.89 -1.59 13.62
C GLU B 253 -20.22 -1.13 12.33
N ALA B 254 -19.97 0.17 12.21
CA ALA B 254 -19.31 0.69 11.02
C ALA B 254 -17.91 0.08 10.92
N ALA B 255 -17.25 -0.04 12.07
CA ALA B 255 -15.94 -0.66 12.13
C ALA B 255 -16.04 -2.11 11.68
N LYS B 256 -17.07 -2.79 12.15
CA LYS B 256 -17.26 -4.19 11.84
C LYS B 256 -17.42 -4.37 10.33
N ILE B 257 -18.23 -3.50 9.72
CA ILE B 257 -18.45 -3.55 8.28
C ILE B 257 -17.14 -3.34 7.53
N VAL B 258 -16.38 -2.35 7.97
CA VAL B 258 -15.09 -2.05 7.35
C VAL B 258 -14.16 -3.26 7.38
N ALA B 259 -14.11 -3.95 8.50
CA ALA B 259 -13.23 -5.11 8.63
C ALA B 259 -13.63 -6.25 7.67
N GLU B 260 -14.94 -6.41 7.42
CA GLU B 260 -15.39 -7.40 6.45
C GLU B 260 -15.09 -6.98 5.00
N ALA B 261 -15.15 -5.68 4.73
CA ALA B 261 -15.08 -5.18 3.36
C ALA B 261 -13.67 -4.80 2.88
N LEU B 262 -12.81 -4.37 3.80
CA LEU B 262 -11.46 -3.91 3.45
C LEU B 262 -10.62 -5.01 2.83
N ALA C 1 15.09 15.83 6.08
CA ALA C 1 15.09 16.27 4.69
C ALA C 1 16.32 17.10 4.31
N ALA C 2 17.23 17.33 5.26
CA ALA C 2 18.40 18.20 4.98
C ALA C 2 19.33 17.62 3.92
N ALA C 3 19.48 16.30 3.90
CA ALA C 3 20.35 15.65 2.93
C ALA C 3 19.83 15.85 1.52
N LEU C 4 18.52 15.74 1.35
CA LEU C 4 17.90 15.98 0.06
C LEU C 4 17.92 17.46 -0.33
N ASN C 5 17.70 18.34 0.66
CA ASN C 5 17.80 19.79 0.42
C ASN C 5 19.15 20.18 -0.14
N ASP C 6 20.20 19.50 0.31
CA ASP C 6 21.56 19.75 -0.18
C ASP C 6 21.69 19.39 -1.64
N GLU C 7 21.01 18.34 -2.07
CA GLU C 7 21.09 17.94 -3.47
C GLU C 7 20.37 18.96 -4.35
N PHE C 8 19.21 19.42 -3.91
CA PHE C 8 18.46 20.41 -4.69
C PHE C 8 19.18 21.75 -4.67
N ALA C 9 19.76 22.11 -3.53
CA ALA C 9 20.56 23.33 -3.43
C ALA C 9 21.74 23.23 -4.40
N ALA C 10 22.32 22.04 -4.51
CA ALA C 10 23.43 21.84 -5.43
C ALA C 10 23.02 22.07 -6.89
N LEU C 11 21.81 21.67 -7.25
CA LEU C 11 21.29 21.95 -8.58
C LEU C 11 21.14 23.46 -8.79
N GLU C 12 20.67 24.15 -7.74
CA GLU C 12 20.49 25.60 -7.77
C GLU C 12 21.81 26.34 -7.98
N LYS C 13 22.88 25.81 -7.38
CA LYS C 13 24.18 26.46 -7.55
C LYS C 13 24.74 26.21 -8.94
N GLN C 14 24.51 25.00 -9.46
CA GLN C 14 25.04 24.58 -10.75
C GLN C 14 24.45 25.39 -11.91
N TYR C 15 23.12 25.48 -11.92
CA TYR C 15 22.40 26.12 -13.03
C TYR C 15 22.08 27.58 -12.73
N GLY C 16 22.16 27.97 -11.47
CA GLY C 16 21.80 29.31 -11.05
C GLY C 16 20.33 29.35 -10.69
N GLY C 17 19.87 30.46 -10.13
CA GLY C 17 18.45 30.63 -9.88
C GLY C 17 17.84 29.78 -8.79
N ARG C 18 16.53 29.59 -8.89
CA ARG C 18 15.74 29.04 -7.79
C ARG C 18 14.93 27.85 -8.27
N LEU C 19 14.89 26.79 -7.46
CA LEU C 19 14.19 25.55 -7.80
C LEU C 19 13.13 25.21 -6.75
N GLY C 20 11.94 24.84 -7.22
CA GLY C 20 10.87 24.45 -6.33
C GLY C 20 10.30 23.09 -6.74
N VAL C 21 10.19 22.19 -5.77
CA VAL C 21 9.72 20.84 -6.05
C VAL C 21 8.69 20.43 -5.01
N TYR C 22 7.59 19.84 -5.47
CA TYR C 22 6.71 19.09 -4.57
C TYR C 22 6.28 17.79 -5.24
N ALA C 23 6.45 16.68 -4.52
CA ALA C 23 6.01 15.37 -5.00
C ALA C 23 5.17 14.69 -3.93
N LEU C 24 4.08 14.06 -4.35
CA LEU C 24 3.29 13.22 -3.47
C LEU C 24 3.11 11.84 -4.11
N ASP C 25 3.52 10.80 -3.39
CA ASP C 25 3.21 9.43 -3.79
C ASP C 25 1.88 9.12 -3.12
N THR C 26 0.83 8.99 -3.93
CA THR C 26 -0.52 8.76 -3.39
C THR C 26 -0.65 7.39 -2.75
N GLY C 27 0.25 6.49 -3.13
CA GLY C 27 0.21 5.15 -2.56
C GLY C 27 0.70 5.08 -1.14
N THR C 28 1.83 5.72 -0.88
CA THR C 28 2.50 5.61 0.41
C THR C 28 2.21 6.81 1.29
N GLY C 29 1.86 7.93 0.67
CA GLY C 29 1.58 9.16 1.40
C GLY C 29 2.84 9.96 1.60
N ARG C 30 3.95 9.43 1.10
CA ARG C 30 5.25 10.08 1.23
CA ARG C 30 5.25 10.08 1.22
C ARG C 30 5.34 11.30 0.32
N THR C 31 6.01 12.34 0.79
CA THR C 31 6.13 13.57 0.05
C THR C 31 7.57 14.02 -0.03
N ILE C 32 7.83 14.93 -0.95
CA ILE C 32 9.11 15.62 -1.03
C ILE C 32 8.78 17.09 -1.22
N ALA C 33 9.43 17.95 -0.44
CA ALA C 33 9.23 19.40 -0.54
C ALA C 33 10.56 20.15 -0.54
N TYR C 34 10.75 21.02 -1.53
CA TYR C 34 11.87 21.96 -1.56
C TYR C 34 11.30 23.28 -2.06
N ARG C 35 11.38 24.32 -1.23
CA ARG C 35 10.73 25.60 -1.54
C ARG C 35 9.27 25.43 -1.97
N ALA C 36 8.58 24.42 -1.44
CA ALA C 36 7.23 24.10 -1.94
C ALA C 36 6.19 25.16 -1.61
N ASP C 37 6.52 26.05 -0.67
CA ASP C 37 5.60 27.12 -0.31
C ASP C 37 6.06 28.48 -0.83
N GLU C 38 7.03 28.49 -1.74
CA GLU C 38 7.48 29.75 -2.31
C GLU C 38 6.76 29.95 -3.64
N ARG C 39 6.45 31.18 -3.97
CA ARG C 39 5.82 31.47 -5.25
C ARG C 39 6.81 31.36 -6.41
N PHE C 40 6.31 30.83 -7.53
CA PHE C 40 7.05 30.76 -8.78
C PHE C 40 6.08 31.15 -9.88
N PRO C 41 6.60 31.70 -10.98
CA PRO C 41 5.78 32.02 -12.18
C PRO C 41 5.21 30.74 -12.78
N MET C 42 3.91 30.69 -13.04
CA MET C 42 3.33 29.49 -13.65
C MET C 42 3.76 29.32 -15.09
N CYS C 43 3.83 30.44 -15.80
CA CYS C 43 3.89 30.42 -17.27
C CYS C 43 2.82 29.45 -17.81
N SER C 44 3.18 28.59 -18.75
CA SER C 44 2.16 27.76 -19.41
C SER C 44 1.47 26.69 -18.57
N THR C 45 2.03 26.37 -17.39
CA THR C 45 1.44 25.31 -16.57
C THR C 45 -0.02 25.60 -16.22
N PHE C 46 -0.40 26.88 -16.23
CA PHE C 46 -1.78 27.26 -15.90
C PHE C 46 -2.75 26.70 -16.94
N LYS C 47 -2.26 26.44 -18.14
CA LYS C 47 -3.13 26.04 -19.25
C LYS C 47 -3.88 24.74 -18.95
N ALA C 48 -3.32 23.91 -18.09
CA ALA C 48 -4.02 22.69 -17.67
C ALA C 48 -5.22 23.06 -16.80
N LEU C 49 -5.04 24.07 -15.96
CA LEU C 49 -6.09 24.53 -15.06
C LEU C 49 -7.23 25.16 -15.85
N ALA C 50 -6.88 25.86 -16.91
CA ALA C 50 -7.86 26.58 -17.72
C ALA C 50 -8.77 25.60 -18.42
N ALA C 51 -8.17 24.56 -18.99
CA ALA C 51 -8.94 23.49 -19.63
C ALA C 51 -9.82 22.81 -18.60
N ALA C 52 -9.32 22.72 -17.36
CA ALA C 52 -10.07 22.10 -16.28
C ALA C 52 -11.29 22.95 -15.92
N ALA C 53 -11.13 24.26 -15.96
CA ALA C 53 -12.21 25.18 -15.62
C ALA C 53 -13.35 25.10 -16.64
N VAL C 54 -12.99 24.78 -17.88
CA VAL C 54 -13.97 24.64 -18.96
C VAL C 54 -14.74 23.34 -18.78
N LEU C 55 -14.01 22.28 -18.41
CA LEU C 55 -14.62 20.99 -18.15
C LEU C 55 -15.65 21.09 -17.02
N ALA C 56 -15.29 21.84 -15.98
CA ALA C 56 -16.16 22.01 -14.81
C ALA C 56 -17.50 22.62 -15.23
N GLN C 57 -17.43 23.56 -16.18
N GLN C 57 -17.46 23.56 -16.17
CA GLN C 57 -18.63 24.18 -16.74
CA GLN C 57 -18.69 24.16 -16.70
C GLN C 57 -19.47 23.16 -17.50
C GLN C 57 -19.48 23.13 -17.48
N VAL C 58 -18.78 22.25 -18.19
CA VAL C 58 -19.44 21.19 -18.95
C VAL C 58 -20.15 20.28 -17.96
N ASP C 59 -19.44 19.91 -16.91
CA ASP C 59 -20.01 19.10 -15.83
C ASP C 59 -21.28 19.73 -15.27
N ALA C 60 -21.31 21.07 -15.22
CA ALA C 60 -22.41 21.80 -14.63
C ALA C 60 -23.54 22.09 -15.62
N GLY C 61 -23.44 21.54 -16.83
CA GLY C 61 -24.47 21.70 -17.85
C GLY C 61 -24.54 23.10 -18.45
N LYS C 62 -23.42 23.82 -18.42
CA LYS C 62 -23.40 25.21 -18.89
C LYS C 62 -22.54 25.39 -20.13
N GLU C 63 -21.96 24.29 -20.62
CA GLU C 63 -21.07 24.32 -21.77
C GLU C 63 -20.99 22.96 -22.43
N SER C 64 -20.62 22.95 -23.70
CA SER C 64 -20.33 21.71 -24.42
C SER C 64 -18.95 21.83 -25.05
N LEU C 65 -18.18 20.74 -25.03
CA LEU C 65 -16.86 20.73 -25.65
C LEU C 65 -17.01 20.83 -27.18
N ASP C 66 -18.21 20.53 -27.67
CA ASP C 66 -18.55 20.60 -29.09
C ASP C 66 -18.72 22.03 -29.60
N ARG C 67 -18.94 22.98 -28.70
CA ARG C 67 -19.24 24.34 -29.14
C ARG C 67 -18.06 24.94 -29.92
N ARG C 68 -18.39 25.55 -31.05
CA ARG C 68 -17.40 26.11 -31.96
C ARG C 68 -17.08 27.57 -31.62
N ILE C 69 -15.80 27.83 -31.37
CA ILE C 69 -15.34 29.18 -31.05
C ILE C 69 -14.78 29.86 -32.29
N THR C 70 -15.33 31.02 -32.63
CA THR C 70 -14.88 31.83 -33.75
C THR C 70 -13.83 32.88 -33.31
N TYR C 71 -12.75 33.01 -34.06
CA TYR C 71 -11.71 34.00 -33.74
C TYR C 71 -11.05 34.60 -34.99
N THR C 72 -10.46 35.79 -34.83
CA THR C 72 -9.88 36.51 -35.96
C THR C 72 -8.36 36.46 -35.97
N LYS C 73 -7.77 36.97 -37.05
CA LYS C 73 -6.33 37.12 -37.14
C LYS C 73 -5.83 38.07 -36.05
N ASP C 74 -6.69 38.97 -35.63
CA ASP C 74 -6.37 39.94 -34.58
C ASP C 74 -6.13 39.28 -33.21
N ASP C 75 -6.69 38.08 -33.02
CA ASP C 75 -6.61 37.39 -31.73
C ASP C 75 -5.33 36.57 -31.56
N LEU C 76 -4.65 36.30 -32.66
CA LEU C 76 -3.45 35.48 -32.64
C LEU C 76 -2.31 36.13 -31.87
N VAL C 77 -1.74 35.40 -30.91
CA VAL C 77 -0.55 35.85 -30.21
C VAL C 77 0.57 34.86 -30.52
N ASP C 78 1.80 35.22 -30.18
CA ASP C 78 2.95 34.37 -30.47
C ASP C 78 2.79 32.96 -29.88
N TYR C 79 3.54 32.01 -30.44
CA TYR C 79 3.47 30.62 -29.99
C TYR C 79 2.05 30.07 -30.00
N SER C 80 1.47 30.01 -31.18
CA SER C 80 0.12 29.50 -31.37
C SER C 80 0.07 28.59 -32.58
N PRO C 81 0.88 27.50 -32.57
CA PRO C 81 1.09 26.70 -33.79
C PRO C 81 -0.17 26.02 -34.30
N VAL C 82 -1.13 25.77 -33.43
CA VAL C 82 -2.39 25.14 -33.84
C VAL C 82 -3.42 26.17 -34.30
N THR C 83 -3.71 27.14 -33.45
CA THR C 83 -4.75 28.13 -33.71
C THR C 83 -4.46 28.99 -34.94
N GLU C 84 -3.18 29.21 -35.24
CA GLU C 84 -2.78 30.02 -36.40
C GLU C 84 -3.27 29.42 -37.71
N LYS C 85 -3.59 28.12 -37.67
CA LYS C 85 -3.98 27.40 -38.89
C LYS C 85 -5.50 27.40 -39.13
N HIS C 86 -6.28 27.75 -38.11
CA HIS C 86 -7.72 27.55 -38.20
C HIS C 86 -8.55 28.82 -37.97
N VAL C 87 -8.01 29.97 -38.39
CA VAL C 87 -8.77 31.22 -38.30
C VAL C 87 -10.04 31.14 -39.15
N GLY C 88 -9.93 30.56 -40.34
CA GLY C 88 -11.06 30.44 -41.25
C GLY C 88 -12.19 29.53 -40.79
N THR C 89 -11.84 28.47 -40.08
CA THR C 89 -12.84 27.49 -39.61
C THR C 89 -13.26 27.73 -38.17
N GLY C 90 -12.36 28.31 -37.39
CA GLY C 90 -12.52 28.30 -35.95
C GLY C 90 -12.14 26.93 -35.42
N MET C 91 -12.28 26.74 -34.11
CA MET C 91 -11.94 25.47 -33.48
C MET C 91 -12.93 25.19 -32.36
N THR C 92 -13.25 23.92 -32.13
CA THR C 92 -14.12 23.56 -31.02
C THR C 92 -13.40 23.74 -29.69
N LEU C 93 -14.20 23.83 -28.62
CA LEU C 93 -13.69 24.01 -27.26
C LEU C 93 -12.77 22.86 -26.87
N ALA C 94 -13.14 21.65 -27.29
CA ALA C 94 -12.33 20.46 -27.04
C ALA C 94 -10.99 20.58 -27.75
N GLU C 95 -11.04 21.00 -29.02
CA GLU C 95 -9.84 21.18 -29.82
C GLU C 95 -8.94 22.26 -29.22
N LEU C 96 -9.55 23.28 -28.60
CA LEU C 96 -8.78 24.36 -27.98
C LEU C 96 -8.05 23.86 -26.73
N CYS C 97 -8.75 23.05 -25.94
CA CYS C 97 -8.17 22.45 -24.75
C CYS C 97 -7.01 21.54 -25.12
N GLU C 98 -7.22 20.73 -26.16
CA GLU C 98 -6.17 19.84 -26.63
C GLU C 98 -4.96 20.65 -27.07
N ALA C 99 -5.21 21.66 -27.89
CA ALA C 99 -4.14 22.53 -28.37
C ALA C 99 -3.42 23.24 -27.23
N ALA C 100 -4.19 23.77 -26.29
CA ALA C 100 -3.59 24.52 -25.18
C ALA C 100 -2.69 23.65 -24.30
N ILE C 101 -3.07 22.38 -24.14
CA ILE C 101 -2.31 21.49 -23.28
C ILE C 101 -1.15 20.84 -24.04
N THR C 102 -1.47 20.17 -25.14
CA THR C 102 -0.52 19.32 -25.85
C THR C 102 0.52 20.08 -26.68
N TYR C 103 0.17 21.29 -27.13
CA TYR C 103 1.10 22.11 -27.91
C TYR C 103 1.41 23.45 -27.23
N SER C 104 0.89 23.64 -26.02
CA SER C 104 1.06 24.90 -25.27
C SER C 104 0.66 26.11 -26.11
N ASP C 105 -0.40 25.94 -26.89
CA ASP C 105 -0.88 26.98 -27.80
C ASP C 105 -1.40 28.20 -27.04
N ASN C 106 -0.75 29.35 -27.24
CA ASN C 106 -1.06 30.55 -26.46
C ASN C 106 -2.42 31.17 -26.77
N THR C 107 -2.78 31.24 -28.05
CA THR C 107 -4.06 31.80 -28.45
C THR C 107 -5.21 30.93 -27.97
N ALA C 108 -5.02 29.61 -28.05
CA ALA C 108 -5.98 28.66 -27.51
C ALA C 108 -6.25 28.97 -26.04
N ALA C 109 -5.18 29.20 -25.29
CA ALA C 109 -5.29 29.50 -23.86
C ALA C 109 -6.12 30.76 -23.60
N ASN C 110 -5.80 31.83 -24.32
CA ASN C 110 -6.57 33.07 -24.23
C ASN C 110 -8.05 32.83 -24.58
N LEU C 111 -8.30 31.93 -25.52
CA LEU C 111 -9.68 31.63 -25.90
C LEU C 111 -10.40 30.83 -24.81
N LEU C 112 -9.66 29.99 -24.10
CA LEU C 112 -10.25 29.27 -22.98
C LEU C 112 -10.56 30.26 -21.86
N LEU C 113 -9.64 31.18 -21.61
CA LEU C 113 -9.83 32.22 -20.59
C LEU C 113 -11.06 33.08 -20.86
N ASP C 114 -11.29 33.37 -22.15
N ASP C 114 -11.33 33.37 -22.13
CA ASP C 114 -12.45 34.14 -22.59
CA ASP C 114 -12.47 34.21 -22.48
C ASP C 114 -13.75 33.52 -22.09
C ASP C 114 -13.80 33.53 -22.14
N GLU C 115 -13.82 32.20 -22.16
CA GLU C 115 -15.06 31.48 -21.84
C GLU C 115 -15.28 31.21 -20.35
N ILE C 116 -14.26 31.43 -19.53
CA ILE C 116 -14.40 31.16 -18.10
C ILE C 116 -14.32 32.42 -17.24
N GLY C 117 -14.36 33.58 -17.89
CA GLY C 117 -14.33 34.84 -17.17
C GLY C 117 -12.94 35.41 -16.98
N GLY C 118 -12.00 35.01 -17.83
CA GLY C 118 -10.66 35.55 -17.81
C GLY C 118 -9.82 35.08 -16.64
N PRO C 119 -8.65 35.71 -16.43
CA PRO C 119 -7.79 35.38 -15.30
C PRO C 119 -8.57 35.47 -13.98
N LYS C 120 -9.38 36.51 -13.84
CA LYS C 120 -10.25 36.64 -12.68
C LYS C 120 -11.14 35.41 -12.53
N GLY C 121 -11.77 35.00 -13.63
CA GLY C 121 -12.63 33.82 -13.62
C GLY C 121 -11.88 32.52 -13.31
N LEU C 122 -10.68 32.36 -13.84
CA LEU C 122 -9.89 31.16 -13.57
C LEU C 122 -9.50 31.07 -12.09
N THR C 123 -9.06 32.21 -11.56
CA THR C 123 -8.66 32.26 -10.15
C THR C 123 -9.83 31.91 -9.23
N ALA C 124 -11.00 32.48 -9.49
CA ALA C 124 -12.21 32.16 -8.74
C ALA C 124 -12.58 30.65 -8.79
N PHE C 125 -12.38 30.03 -9.94
CA PHE C 125 -12.62 28.60 -10.06
C PHE C 125 -11.69 27.84 -9.13
N LEU C 126 -10.42 28.23 -9.14
CA LEU C 126 -9.40 27.60 -8.31
C LEU C 126 -9.71 27.73 -6.82
N ARG C 127 -10.15 28.91 -6.40
CA ARG C 127 -10.60 29.14 -5.03
C ARG C 127 -11.74 28.18 -4.70
N SER C 128 -12.66 28.02 -5.66
CA SER C 128 -13.84 27.17 -5.46
C SER C 128 -13.47 25.70 -5.22
N ILE C 129 -12.27 25.28 -5.61
CA ILE C 129 -11.82 23.92 -5.33
C ILE C 129 -10.73 23.82 -4.27
N GLY C 130 -10.60 24.87 -3.46
CA GLY C 130 -9.70 24.82 -2.32
C GLY C 130 -8.30 25.37 -2.50
N ASP C 131 -7.97 25.83 -3.70
CA ASP C 131 -6.66 26.46 -3.91
C ASP C 131 -6.79 27.94 -3.60
N ASP C 132 -6.29 28.35 -2.44
CA ASP C 132 -6.35 29.74 -2.02
C ASP C 132 -5.03 30.45 -2.33
N VAL C 133 -4.15 29.78 -3.07
CA VAL C 133 -2.80 30.28 -3.32
C VAL C 133 -2.59 30.74 -4.75
N THR C 134 -2.97 29.87 -5.70
CA THR C 134 -2.72 30.16 -7.12
C THR C 134 -3.53 31.36 -7.60
N ARG C 135 -2.92 32.17 -8.46
CA ARG C 135 -3.59 33.36 -8.97
C ARG C 135 -3.17 33.60 -10.41
N LEU C 136 -4.14 33.81 -11.29
CA LEU C 136 -3.85 34.27 -12.65
C LEU C 136 -4.35 35.69 -12.79
N ASP C 137 -3.47 36.59 -13.24
CA ASP C 137 -3.78 38.00 -13.28
C ASP C 137 -3.82 38.53 -14.71
N ARG C 138 -3.02 37.93 -15.59
CA ARG C 138 -2.89 38.48 -16.95
C ARG C 138 -3.13 37.44 -18.05
N TRP C 139 -3.17 37.90 -19.29
CA TRP C 139 -3.39 37.03 -20.43
C TRP C 139 -2.07 36.66 -21.12
N GLU C 140 -2.13 35.77 -22.10
CA GLU C 140 -0.97 35.46 -22.92
C GLU C 140 -0.80 36.60 -23.91
N PRO C 141 0.46 37.03 -24.16
CA PRO C 141 1.70 36.46 -23.64
C PRO C 141 2.25 37.12 -22.38
N GLU C 142 1.67 38.25 -21.96
CA GLU C 142 2.21 39.02 -20.83
C GLU C 142 2.48 38.21 -19.56
N LEU C 143 1.69 37.16 -19.34
CA LEU C 143 1.77 36.39 -18.09
C LEU C 143 3.10 35.65 -17.92
N ASN C 144 3.89 35.61 -18.98
CA ASN C 144 5.18 34.92 -18.94
C ASN C 144 6.34 35.78 -18.46
N GLU C 145 6.05 37.03 -18.08
CA GLU C 145 7.11 37.99 -17.76
C GLU C 145 8.04 37.52 -16.64
N ALA C 146 7.50 36.77 -15.69
CA ALA C 146 8.31 36.12 -14.64
C ALA C 146 9.16 37.10 -13.84
N LEU C 147 8.62 38.28 -13.54
CA LEU C 147 9.39 39.28 -12.79
C LEU C 147 9.67 38.79 -11.36
N PRO C 148 10.94 38.84 -10.95
CA PRO C 148 11.30 38.51 -9.57
C PRO C 148 10.55 39.39 -8.57
N GLY C 149 10.04 38.79 -7.50
CA GLY C 149 9.31 39.54 -6.47
C GLY C 149 7.91 39.94 -6.88
N ASP C 150 7.47 39.50 -8.05
CA ASP C 150 6.14 39.84 -8.59
C ASP C 150 5.17 38.69 -8.28
N PRO C 151 4.10 38.97 -7.51
CA PRO C 151 3.12 37.95 -7.12
C PRO C 151 2.18 37.54 -8.25
N ARG C 152 2.04 38.37 -9.29
CA ARG C 152 1.06 38.10 -10.35
C ARG C 152 1.36 36.81 -11.10
N ASP C 153 0.32 36.05 -11.42
CA ASP C 153 0.43 34.85 -12.27
C ASP C 153 1.34 33.79 -11.68
N THR C 154 1.28 33.61 -10.37
CA THR C 154 2.15 32.65 -9.70
C THR C 154 1.38 31.49 -9.04
N THR C 155 2.11 30.44 -8.70
CA THR C 155 1.59 29.38 -7.85
C THR C 155 2.74 28.98 -6.93
N THR C 156 2.49 28.02 -6.04
CA THR C 156 3.58 27.38 -5.30
C THR C 156 3.59 25.91 -5.70
N PRO C 157 4.76 25.25 -5.64
CA PRO C 157 4.76 23.83 -6.02
C PRO C 157 3.75 23.01 -5.22
N ALA C 158 3.65 23.23 -3.91
CA ALA C 158 2.69 22.49 -3.10
C ALA C 158 1.23 22.75 -3.52
N ALA C 159 0.92 23.99 -3.86
CA ALA C 159 -0.47 24.32 -4.17
C ALA C 159 -0.88 23.80 -5.54
N MET C 160 0.02 23.89 -6.52
CA MET C 160 -0.25 23.36 -7.85
C MET C 160 -0.41 21.84 -7.80
N ALA C 161 0.42 21.19 -6.98
CA ALA C 161 0.34 19.73 -6.80
C ALA C 161 -1.00 19.31 -6.21
N ALA C 162 -1.41 19.99 -5.14
CA ALA C 162 -2.69 19.67 -4.50
C ALA C 162 -3.85 19.93 -5.47
N THR C 163 -3.77 21.04 -6.19
CA THR C 163 -4.78 21.36 -7.18
C THR C 163 -4.82 20.30 -8.27
N LEU C 164 -3.66 19.95 -8.78
CA LEU C 164 -3.56 18.94 -9.84
C LEU C 164 -4.10 17.60 -9.35
N ARG C 165 -3.86 17.28 -8.08
CA ARG C 165 -4.34 16.03 -7.50
C ARG C 165 -5.86 16.02 -7.45
N ALA C 166 -6.45 17.16 -7.15
CA ALA C 166 -7.89 17.27 -7.02
C ALA C 166 -8.56 17.08 -8.38
N LEU C 167 -7.93 17.62 -9.42
CA LEU C 167 -8.48 17.59 -10.78
C LEU C 167 -8.38 16.21 -11.44
N LEU C 168 -7.20 15.59 -11.32
CA LEU C 168 -6.89 14.33 -12.01
C LEU C 168 -7.25 13.09 -11.20
N LEU C 169 -7.20 13.21 -9.88
CA LEU C 169 -7.35 12.06 -9.01
C LEU C 169 -8.53 12.22 -8.05
N GLY C 170 -8.77 13.46 -7.62
CA GLY C 170 -9.86 13.74 -6.72
C GLY C 170 -11.18 13.83 -7.46
N ASP C 171 -12.13 14.54 -6.88
CA ASP C 171 -13.46 14.63 -7.47
C ASP C 171 -13.88 16.07 -7.82
N ALA C 172 -12.90 16.92 -8.10
CA ALA C 172 -13.19 18.28 -8.54
C ALA C 172 -13.95 18.25 -9.86
N LEU C 173 -13.64 17.26 -10.69
CA LEU C 173 -14.29 17.07 -11.99
C LEU C 173 -15.09 15.77 -11.98
N SER C 174 -16.05 15.68 -12.91
CA SER C 174 -16.77 14.44 -13.13
C SER C 174 -15.77 13.38 -13.60
N PRO C 175 -16.14 12.09 -13.47
CA PRO C 175 -15.28 11.01 -13.97
C PRO C 175 -14.94 11.19 -15.45
N ALA C 176 -15.93 11.54 -16.27
CA ALA C 176 -15.68 11.79 -17.68
C ALA C 176 -14.70 12.96 -17.92
N SER C 177 -14.91 14.07 -17.21
CA SER C 177 -14.02 15.23 -17.32
C SER C 177 -12.63 14.91 -16.79
N ARG C 178 -12.58 14.23 -15.66
CA ARG C 178 -11.33 13.82 -15.04
C ARG C 178 -10.52 12.98 -16.02
N ALA C 179 -11.19 12.05 -16.69
CA ALA C 179 -10.53 11.19 -17.66
C ALA C 179 -10.04 11.94 -18.90
N GLN C 180 -10.84 12.91 -19.34
CA GLN C 180 -10.48 13.70 -20.53
C GLN C 180 -9.26 14.59 -20.29
N LEU C 181 -9.17 15.14 -19.09
CA LEU C 181 -8.06 16.02 -18.76
C LEU C 181 -6.78 15.20 -18.64
N THR C 182 -6.93 13.99 -18.12
CA THR C 182 -5.83 13.03 -18.04
C THR C 182 -5.34 12.67 -19.44
N ASP C 183 -6.28 12.30 -20.31
CA ASP C 183 -5.97 11.98 -21.70
C ASP C 183 -5.15 13.08 -22.37
N TRP C 184 -5.59 14.34 -22.21
CA TRP C 184 -4.92 15.48 -22.82
C TRP C 184 -3.49 15.61 -22.31
N MET C 185 -3.31 15.52 -21.00
CA MET C 185 -1.97 15.65 -20.41
C MET C 185 -1.09 14.45 -20.79
N ARG C 186 -1.71 13.29 -20.94
CA ARG C 186 -0.99 12.10 -21.40
CA ARG C 186 -0.98 12.12 -21.39
C ARG C 186 -0.50 12.30 -22.83
N GLY C 187 -1.23 13.08 -23.60
CA GLY C 187 -0.88 13.35 -24.99
C GLY C 187 0.02 14.56 -25.22
N ASN C 188 0.56 15.14 -24.15
CA ASN C 188 1.43 16.31 -24.32
C ASN C 188 2.65 15.98 -25.18
N THR C 189 3.01 16.90 -26.08
CA THR C 189 4.12 16.66 -27.00
C THR C 189 5.34 17.51 -26.64
N THR C 190 5.20 18.42 -25.68
CA THR C 190 6.26 19.40 -25.41
C THR C 190 7.18 19.05 -24.25
N GLY C 191 7.00 17.88 -23.64
CA GLY C 191 7.70 17.57 -22.40
C GLY C 191 8.72 16.44 -22.45
N ASP C 192 9.14 16.09 -23.67
CA ASP C 192 10.05 14.96 -23.85
C ASP C 192 11.38 15.12 -23.12
N LYS C 193 11.80 16.38 -22.95
CA LYS C 193 13.14 16.67 -22.43
C LYS C 193 13.15 16.93 -20.92
N LEU C 194 11.97 16.96 -20.32
CA LEU C 194 11.82 17.39 -18.94
C LEU C 194 11.61 16.18 -18.02
N ILE C 195 10.48 16.17 -17.31
CA ILE C 195 10.17 15.08 -16.36
C ILE C 195 10.27 13.70 -16.99
N ARG C 196 9.65 13.52 -18.16
CA ARG C 196 9.71 12.25 -18.88
C ARG C 196 11.13 11.72 -19.06
N ALA C 197 12.07 12.64 -19.30
CA ALA C 197 13.45 12.25 -19.58
C ALA C 197 14.21 11.86 -18.32
N GLY C 198 13.73 12.29 -17.17
CA GLY C 198 14.39 11.99 -15.90
C GLY C 198 13.88 10.71 -15.24
N LEU C 199 12.72 10.24 -15.67
CA LEU C 199 12.08 9.08 -15.05
C LEU C 199 12.50 7.77 -15.71
N PRO C 200 12.44 6.65 -14.96
CA PRO C 200 12.74 5.34 -15.57
C PRO C 200 11.79 5.03 -16.73
N ALA C 201 12.26 4.24 -17.70
CA ALA C 201 11.61 4.08 -18.99
C ALA C 201 10.12 3.67 -18.99
N GLY C 202 9.74 2.80 -18.06
CA GLY C 202 8.39 2.26 -18.05
C GLY C 202 7.34 3.17 -17.42
N TRP C 203 7.77 4.31 -16.90
CA TRP C 203 6.85 5.19 -16.18
C TRP C 203 6.00 6.05 -17.12
N ARG C 204 4.68 5.93 -16.99
CA ARG C 204 3.77 6.70 -17.83
C ARG C 204 3.52 8.07 -17.22
N VAL C 205 3.48 9.09 -18.06
CA VAL C 205 3.44 10.48 -17.63
C VAL C 205 2.37 11.26 -18.38
N GLY C 206 1.62 12.08 -17.66
CA GLY C 206 0.84 13.16 -18.25
C GLY C 206 1.39 14.45 -17.68
N ASP C 207 1.75 15.41 -18.52
CA ASP C 207 2.35 16.64 -17.99
C ASP C 207 1.94 17.89 -18.75
N LYS C 208 2.30 19.04 -18.18
CA LYS C 208 2.15 20.33 -18.84
C LYS C 208 3.40 21.15 -18.54
N THR C 209 4.06 21.63 -19.59
CA THR C 209 5.30 22.37 -19.44
C THR C 209 5.07 23.87 -19.23
N GLY C 210 6.15 24.57 -18.90
CA GLY C 210 6.14 26.03 -18.87
C GLY C 210 7.50 26.57 -19.24
N THR C 211 7.51 27.77 -19.83
CA THR C 211 8.75 28.45 -20.19
C THR C 211 8.47 29.94 -20.09
N GLY C 212 9.40 30.72 -19.53
CA GLY C 212 9.20 32.16 -19.42
C GLY C 212 10.51 32.95 -19.34
N SER C 213 10.41 34.25 -19.15
CA SER C 213 11.58 35.11 -19.06
C SER C 213 12.31 34.86 -17.74
N TYR C 214 13.45 35.52 -17.55
CA TYR C 214 14.26 35.31 -16.37
C TYR C 214 14.56 33.82 -16.21
N GLY C 215 14.78 33.16 -17.35
CA GLY C 215 15.12 31.74 -17.36
C GLY C 215 14.16 30.86 -16.60
N THR C 216 12.88 30.99 -16.90
CA THR C 216 11.87 30.17 -16.23
C THR C 216 11.56 28.88 -17.00
N ARG C 217 11.57 27.75 -16.31
CA ARG C 217 11.28 26.46 -16.91
C ARG C 217 10.61 25.57 -15.87
N ASN C 218 9.44 25.05 -16.23
CA ASN C 218 8.57 24.32 -15.32
C ASN C 218 7.99 23.06 -15.97
N ASP C 219 7.58 22.12 -15.13
CA ASP C 219 6.89 20.93 -15.60
C ASP C 219 6.10 20.32 -14.44
N ILE C 220 4.82 20.04 -14.67
CA ILE C 220 3.96 19.46 -13.64
C ILE C 220 3.26 18.24 -14.22
N ALA C 221 3.12 17.20 -13.41
CA ALA C 221 2.75 15.92 -13.97
C ALA C 221 2.05 15.02 -12.98
N ILE C 222 1.28 14.09 -13.53
CA ILE C 222 0.85 12.91 -12.81
C ILE C 222 1.64 11.79 -13.45
N ILE C 223 2.05 10.81 -12.65
CA ILE C 223 2.98 9.80 -13.08
C ILE C 223 2.51 8.44 -12.61
N TRP C 224 2.49 7.46 -13.52
CA TRP C 224 2.15 6.10 -13.14
C TRP C 224 3.34 5.17 -13.34
N PRO C 225 4.01 4.82 -12.25
CA PRO C 225 5.07 3.82 -12.31
C PRO C 225 4.43 2.44 -12.40
N PRO C 226 5.10 1.49 -13.07
CA PRO C 226 4.57 0.12 -13.15
C PRO C 226 4.25 -0.45 -11.76
N ASN C 227 3.07 -1.03 -11.59
CA ASN C 227 2.68 -1.66 -10.33
CA ASN C 227 2.71 -1.68 -10.33
C ASN C 227 2.74 -0.76 -9.10
N ARG C 228 2.50 0.53 -9.29
CA ARG C 228 2.47 1.48 -8.18
C ARG C 228 1.36 2.50 -8.36
N ALA C 229 0.93 3.10 -7.25
CA ALA C 229 -0.07 4.17 -7.30
C ALA C 229 0.52 5.40 -7.99
N PRO C 230 -0.35 6.30 -8.48
CA PRO C 230 0.19 7.49 -9.16
C PRO C 230 0.92 8.45 -8.23
N ILE C 231 1.83 9.22 -8.82
CA ILE C 231 2.59 10.24 -8.13
C ILE C 231 2.20 11.56 -8.77
N VAL C 232 2.05 12.60 -7.94
CA VAL C 232 1.83 13.95 -8.44
C VAL C 232 3.12 14.73 -8.23
N LEU C 233 3.62 15.38 -9.27
CA LEU C 233 4.91 16.02 -9.21
C LEU C 233 4.84 17.41 -9.82
N ALA C 234 5.17 18.44 -9.04
CA ALA C 234 5.28 19.79 -9.60
C ALA C 234 6.72 20.29 -9.48
N ILE C 235 7.29 20.71 -10.61
CA ILE C 235 8.64 21.27 -10.58
C ILE C 235 8.65 22.64 -11.24
N TYR C 236 9.07 23.65 -10.48
CA TYR C 236 9.22 25.01 -10.99
C TYR C 236 10.66 25.46 -10.84
N SER C 237 11.17 26.20 -11.83
CA SER C 237 12.50 26.81 -11.74
C SER C 237 12.50 28.19 -12.41
N THR C 238 13.21 29.14 -11.81
CA THR C 238 13.30 30.47 -12.39
C THR C 238 14.60 31.18 -11.99
N GLY C 239 15.08 32.06 -12.85
CA GLY C 239 16.30 32.80 -12.55
C GLY C 239 17.57 32.09 -12.95
N SER C 240 17.47 30.84 -13.41
CA SER C 240 18.68 30.11 -13.81
C SER C 240 19.34 30.80 -15.01
N THR C 241 20.65 30.58 -15.15
CA THR C 241 21.43 31.12 -16.25
C THR C 241 22.08 29.96 -17.01
N ALA C 242 21.43 29.51 -18.08
CA ALA C 242 21.87 28.31 -18.79
C ALA C 242 21.18 28.25 -20.15
N ASP C 243 21.75 27.53 -21.12
CA ASP C 243 21.10 27.44 -22.43
C ASP C 243 19.83 26.59 -22.37
N ALA C 244 19.13 26.43 -23.48
CA ALA C 244 17.82 25.78 -23.46
C ALA C 244 17.91 24.31 -23.04
N LYS C 245 18.88 23.58 -23.61
CA LYS C 245 19.06 22.17 -23.32
C LYS C 245 19.37 21.94 -21.86
N GLU C 246 20.08 22.90 -21.27
CA GLU C 246 20.52 22.78 -19.89
C GLU C 246 19.37 23.00 -18.92
N ARG C 247 18.52 23.98 -19.19
CA ARG C 247 17.33 24.16 -18.37
C ARG C 247 16.46 22.90 -18.44
N ASN C 248 16.39 22.27 -19.61
CA ASN C 248 15.71 20.97 -19.71
C ASN C 248 16.34 19.94 -18.77
N ALA C 249 17.66 19.85 -18.82
CA ALA C 249 18.39 18.87 -18.02
C ALA C 249 18.16 19.10 -16.53
N LEU C 250 18.12 20.37 -16.11
CA LEU C 250 17.80 20.73 -14.74
C LEU C 250 16.52 20.08 -14.26
N ILE C 251 15.49 20.16 -15.09
CA ILE C 251 14.19 19.65 -14.68
C ILE C 251 14.21 18.13 -14.65
N ALA C 252 14.79 17.53 -15.70
CA ALA C 252 14.92 16.09 -15.78
C ALA C 252 15.67 15.53 -14.58
N GLU C 253 16.79 16.17 -14.22
CA GLU C 253 17.58 15.73 -13.06
C GLU C 253 16.77 15.86 -11.76
N ALA C 254 16.00 16.95 -11.61
CA ALA C 254 15.15 17.10 -10.43
C ALA C 254 14.13 15.95 -10.33
N ALA C 255 13.64 15.52 -11.48
CA ALA C 255 12.68 14.42 -11.55
C ALA C 255 13.35 13.10 -11.18
N LYS C 256 14.53 12.86 -11.73
CA LYS C 256 15.33 11.67 -11.44
C LYS C 256 15.59 11.53 -9.93
N ILE C 257 15.93 12.64 -9.29
CA ILE C 257 16.18 12.64 -7.85
C ILE C 257 14.92 12.23 -7.10
N VAL C 258 13.80 12.84 -7.50
CA VAL C 258 12.51 12.52 -6.88
C VAL C 258 12.23 11.03 -7.01
N ALA C 259 12.46 10.49 -8.20
CA ALA C 259 12.20 9.07 -8.45
C ALA C 259 13.00 8.18 -7.49
N GLU C 260 14.23 8.57 -7.22
CA GLU C 260 15.11 7.81 -6.32
C GLU C 260 14.73 7.97 -4.84
N ALA C 261 14.19 9.12 -4.50
CA ALA C 261 13.99 9.47 -3.09
C ALA C 261 12.59 9.12 -2.60
N LEU C 262 11.62 9.21 -3.51
CA LEU C 262 10.22 9.07 -3.14
C LEU C 262 9.89 7.62 -2.84
N ALA D 1 -23.95 -11.91 -27.13
CA ALA D 1 -23.74 -12.04 -25.69
C ALA D 1 -23.53 -10.67 -25.04
N ALA D 2 -23.67 -9.61 -25.83
CA ALA D 2 -23.50 -8.27 -25.27
C ALA D 2 -24.57 -7.94 -24.23
N ALA D 3 -25.79 -8.40 -24.45
CA ALA D 3 -26.88 -8.18 -23.51
C ALA D 3 -26.49 -8.69 -22.12
N LEU D 4 -26.09 -9.95 -22.07
CA LEU D 4 -25.71 -10.58 -20.81
C LEU D 4 -24.40 -10.00 -20.23
N ASN D 5 -23.46 -9.62 -21.10
CA ASN D 5 -22.25 -8.95 -20.65
C ASN D 5 -22.59 -7.67 -19.90
N ASP D 6 -23.62 -6.97 -20.36
CA ASP D 6 -24.06 -5.75 -19.70
C ASP D 6 -24.55 -6.01 -18.28
N GLU D 7 -25.22 -7.15 -18.07
CA GLU D 7 -25.75 -7.46 -16.75
C GLU D 7 -24.65 -7.79 -15.73
N PHE D 8 -23.65 -8.56 -16.15
CA PHE D 8 -22.54 -8.90 -15.28
C PHE D 8 -21.70 -7.66 -15.00
N ALA D 9 -21.46 -6.87 -16.04
CA ALA D 9 -20.74 -5.61 -15.90
C ALA D 9 -21.44 -4.67 -14.91
N ALA D 10 -22.77 -4.67 -14.90
CA ALA D 10 -23.49 -3.86 -13.92
C ALA D 10 -23.25 -4.38 -12.52
N LEU D 11 -23.19 -5.70 -12.37
CA LEU D 11 -22.85 -6.33 -11.09
C LEU D 11 -21.50 -5.84 -10.60
N GLU D 12 -20.52 -5.84 -11.51
CA GLU D 12 -19.18 -5.38 -11.19
C GLU D 12 -19.18 -3.93 -10.74
N LYS D 13 -20.05 -3.12 -11.32
CA LYS D 13 -20.12 -1.72 -10.92
C LYS D 13 -20.77 -1.61 -9.54
N GLN D 14 -21.72 -2.49 -9.27
CA GLN D 14 -22.45 -2.44 -8.01
C GLN D 14 -21.57 -2.85 -6.84
N TYR D 15 -20.82 -3.92 -7.02
CA TYR D 15 -20.03 -4.49 -5.92
C TYR D 15 -18.55 -4.09 -5.96
N GLY D 16 -18.10 -3.59 -7.09
CA GLY D 16 -16.70 -3.27 -7.29
C GLY D 16 -15.96 -4.50 -7.76
N GLY D 17 -14.73 -4.31 -8.23
CA GLY D 17 -13.89 -5.45 -8.59
C GLY D 17 -14.28 -6.18 -9.87
N ARG D 18 -13.96 -7.48 -9.90
CA ARG D 18 -14.00 -8.24 -11.14
C ARG D 18 -14.79 -9.54 -10.94
N LEU D 19 -15.63 -9.89 -11.91
CA LEU D 19 -16.47 -11.10 -11.85
C LEU D 19 -16.20 -12.02 -13.04
N GLY D 20 -15.98 -13.31 -12.77
CA GLY D 20 -15.79 -14.27 -13.83
C GLY D 20 -16.80 -15.39 -13.77
N VAL D 21 -17.37 -15.73 -14.92
CA VAL D 21 -18.41 -16.75 -15.00
C VAL D 21 -18.23 -17.66 -16.22
N TYR D 22 -18.37 -18.97 -16.00
CA TYR D 22 -18.57 -19.90 -17.10
C TYR D 22 -19.60 -20.94 -16.71
N ALA D 23 -20.59 -21.11 -17.57
CA ALA D 23 -21.62 -22.13 -17.39
C ALA D 23 -21.73 -22.96 -18.65
N LEU D 24 -21.89 -24.27 -18.47
CA LEU D 24 -22.15 -25.18 -19.58
C LEU D 24 -23.36 -26.05 -19.28
N ASP D 25 -24.38 -25.99 -20.15
CA ASP D 25 -25.53 -26.89 -20.05
C ASP D 25 -25.27 -28.13 -20.89
N THR D 26 -24.96 -29.24 -20.23
CA THR D 26 -24.55 -30.46 -20.92
C THR D 26 -25.66 -31.10 -21.74
N GLY D 27 -26.91 -30.72 -21.48
CA GLY D 27 -28.02 -31.25 -22.24
C GLY D 27 -28.16 -30.55 -23.58
N THR D 28 -27.98 -29.23 -23.57
CA THR D 28 -28.19 -28.44 -24.77
C THR D 28 -26.90 -27.97 -25.42
N GLY D 29 -25.81 -27.99 -24.68
CA GLY D 29 -24.54 -27.47 -25.18
C GLY D 29 -24.42 -25.95 -25.05
N ARG D 30 -25.48 -25.29 -24.62
CA ARG D 30 -25.43 -23.84 -24.46
C ARG D 30 -24.42 -23.43 -23.38
N THR D 31 -23.75 -22.30 -23.61
CA THR D 31 -22.76 -21.79 -22.67
C THR D 31 -23.00 -20.33 -22.36
N ILE D 32 -22.37 -19.88 -21.28
CA ILE D 32 -22.29 -18.48 -20.92
C ILE D 32 -20.86 -18.21 -20.50
N ALA D 33 -20.25 -17.16 -21.04
CA ALA D 33 -18.86 -16.83 -20.71
C ALA D 33 -18.73 -15.34 -20.43
N TYR D 34 -18.17 -15.01 -19.26
CA TYR D 34 -17.89 -13.64 -18.90
C TYR D 34 -16.54 -13.59 -18.18
N ARG D 35 -15.56 -12.95 -18.81
CA ARG D 35 -14.17 -12.99 -18.35
C ARG D 35 -13.73 -14.42 -18.09
N ALA D 36 -14.24 -15.37 -18.88
CA ALA D 36 -13.98 -16.78 -18.62
C ALA D 36 -12.53 -17.18 -18.89
N ASP D 37 -11.81 -16.31 -19.60
CA ASP D 37 -10.39 -16.57 -19.86
C ASP D 37 -9.46 -15.58 -19.14
N GLU D 38 -9.98 -14.87 -18.16
CA GLU D 38 -9.12 -14.09 -17.28
C GLU D 38 -8.80 -14.96 -16.07
N ARG D 39 -7.61 -14.79 -15.51
CA ARG D 39 -7.21 -15.54 -14.33
C ARG D 39 -7.87 -14.99 -13.06
N PHE D 40 -8.17 -15.89 -12.13
CA PHE D 40 -8.82 -15.51 -10.89
C PHE D 40 -8.19 -16.32 -9.78
N PRO D 41 -8.00 -15.70 -8.61
CA PRO D 41 -7.52 -16.42 -7.43
C PRO D 41 -8.46 -17.57 -7.11
N MET D 42 -7.93 -18.80 -7.12
CA MET D 42 -8.74 -19.98 -6.83
C MET D 42 -9.27 -19.96 -5.41
N CYS D 43 -8.41 -19.57 -4.48
CA CYS D 43 -8.62 -19.81 -3.07
C CYS D 43 -9.07 -21.26 -2.83
N SER D 44 -10.00 -21.46 -1.91
CA SER D 44 -10.39 -22.81 -1.50
C SER D 44 -11.07 -23.68 -2.55
N THR D 45 -11.33 -23.14 -3.75
CA THR D 45 -11.91 -23.93 -4.83
C THR D 45 -11.01 -25.09 -5.25
N PHE D 46 -9.70 -24.93 -5.07
CA PHE D 46 -8.73 -25.95 -5.50
C PHE D 46 -8.83 -27.25 -4.69
N LYS D 47 -9.44 -27.15 -3.52
CA LYS D 47 -9.50 -28.29 -2.60
C LYS D 47 -10.29 -29.44 -3.19
N ALA D 48 -11.22 -29.13 -4.09
CA ALA D 48 -11.94 -30.16 -4.83
C ALA D 48 -10.99 -30.85 -5.80
N LEU D 49 -10.08 -30.08 -6.37
CA LEU D 49 -9.12 -30.61 -7.33
C LEU D 49 -8.01 -31.41 -6.63
N ALA D 50 -7.67 -30.99 -5.41
CA ALA D 50 -6.63 -31.67 -4.65
C ALA D 50 -7.13 -33.02 -4.14
N ALA D 51 -8.43 -33.08 -3.82
CA ALA D 51 -9.05 -34.34 -3.43
C ALA D 51 -9.19 -35.24 -4.65
N ALA D 52 -9.47 -34.63 -5.79
CA ALA D 52 -9.55 -35.38 -7.04
C ALA D 52 -8.22 -36.07 -7.36
N ALA D 53 -7.13 -35.36 -7.13
CA ALA D 53 -5.79 -35.89 -7.39
C ALA D 53 -5.47 -37.10 -6.50
N VAL D 54 -5.96 -37.06 -5.26
CA VAL D 54 -5.85 -38.19 -4.33
C VAL D 54 -6.63 -39.35 -4.92
N LEU D 55 -7.85 -39.04 -5.37
CA LEU D 55 -8.72 -40.03 -5.97
C LEU D 55 -8.10 -40.68 -7.21
N ALA D 56 -7.23 -39.95 -7.89
CA ALA D 56 -6.57 -40.46 -9.08
C ALA D 56 -5.46 -41.44 -8.72
N GLN D 57 -4.79 -41.18 -7.60
CA GLN D 57 -3.73 -42.06 -7.13
C GLN D 57 -4.29 -43.39 -6.62
N VAL D 58 -5.49 -43.37 -6.04
CA VAL D 58 -6.16 -44.62 -5.63
C VAL D 58 -6.73 -45.35 -6.85
N ASP D 59 -7.24 -44.60 -7.82
CA ASP D 59 -7.67 -45.17 -9.08
C ASP D 59 -6.58 -46.04 -9.71
N ALA D 60 -5.35 -45.53 -9.69
CA ALA D 60 -4.22 -46.23 -10.32
C ALA D 60 -3.55 -47.25 -9.40
N GLY D 61 -4.04 -47.34 -8.16
CA GLY D 61 -3.57 -48.36 -7.22
C GLY D 61 -2.49 -47.92 -6.25
N LYS D 62 -2.18 -46.63 -6.23
CA LYS D 62 -1.09 -46.11 -5.41
C LYS D 62 -1.53 -45.67 -4.02
N GLU D 63 -2.84 -45.64 -3.78
CA GLU D 63 -3.36 -45.19 -2.49
C GLU D 63 -4.70 -45.79 -2.10
N SER D 64 -5.10 -45.53 -0.87
CA SER D 64 -6.41 -45.94 -0.37
C SER D 64 -6.98 -44.84 0.51
N LEU D 65 -8.30 -44.76 0.57
CA LEU D 65 -8.98 -43.75 1.35
C LEU D 65 -8.87 -44.06 2.84
N ASP D 66 -8.87 -45.34 3.17
CA ASP D 66 -8.88 -45.82 4.55
C ASP D 66 -7.55 -45.64 5.28
N ARG D 67 -6.52 -45.21 4.56
CA ARG D 67 -5.20 -44.98 5.14
C ARG D 67 -5.17 -43.74 6.04
N ARG D 68 -4.51 -43.86 7.20
CA ARG D 68 -4.45 -42.75 8.15
C ARG D 68 -3.15 -41.97 8.10
N ILE D 69 -3.28 -40.64 8.12
CA ILE D 69 -2.17 -39.72 8.19
C ILE D 69 -1.99 -39.28 9.65
N THR D 70 -0.79 -38.83 10.00
CA THR D 70 -0.56 -38.25 11.31
C THR D 70 -0.02 -36.84 11.14
N TYR D 71 -0.37 -35.96 12.06
CA TYR D 71 0.09 -34.58 11.98
C TYR D 71 0.19 -33.98 13.38
N THR D 72 0.96 -32.90 13.50
CA THR D 72 1.19 -32.25 14.79
C THR D 72 0.35 -30.98 14.89
N LYS D 73 0.46 -30.27 16.01
CA LYS D 73 -0.20 -28.98 16.14
C LYS D 73 0.59 -27.91 15.36
N ASP D 74 1.89 -28.13 15.22
CA ASP D 74 2.73 -27.23 14.42
C ASP D 74 2.39 -27.33 12.93
N ASP D 75 1.63 -28.36 12.55
CA ASP D 75 1.15 -28.51 11.19
C ASP D 75 -0.11 -27.66 10.98
N LEU D 76 -0.71 -27.22 12.08
CA LEU D 76 -1.97 -26.51 12.02
C LEU D 76 -1.87 -25.12 11.39
N VAL D 77 -2.81 -24.84 10.47
CA VAL D 77 -2.93 -23.52 9.85
C VAL D 77 -4.35 -23.02 10.15
N ASP D 78 -4.55 -21.70 10.10
CA ASP D 78 -5.85 -21.09 10.37
C ASP D 78 -7.02 -21.71 9.59
N TYR D 79 -8.22 -21.60 10.15
N TYR D 79 -8.22 -21.57 10.16
CA TYR D 79 -9.43 -22.17 9.57
CA TYR D 79 -9.43 -22.16 9.65
C TYR D 79 -9.31 -23.68 9.32
C TYR D 79 -9.29 -23.65 9.34
N SER D 80 -9.23 -24.46 10.39
CA SER D 80 -9.17 -25.89 10.26
C SER D 80 -10.13 -26.52 11.26
N PRO D 81 -11.44 -26.30 11.05
CA PRO D 81 -12.45 -26.66 12.06
C PRO D 81 -12.58 -28.17 12.31
N VAL D 82 -11.94 -28.99 11.49
N VAL D 82 -11.93 -28.96 11.47
CA VAL D 82 -11.98 -30.42 11.74
CA VAL D 82 -11.97 -30.42 11.59
C VAL D 82 -10.60 -31.03 12.05
C VAL D 82 -10.62 -30.98 12.04
N THR D 83 -9.58 -30.68 11.27
CA THR D 83 -8.22 -31.18 11.54
C THR D 83 -7.70 -30.76 12.92
N GLU D 84 -8.22 -29.65 13.44
CA GLU D 84 -7.84 -29.17 14.77
C GLU D 84 -8.34 -30.08 15.88
N LYS D 85 -9.27 -30.97 15.55
CA LYS D 85 -9.92 -31.81 16.54
C LYS D 85 -9.40 -33.25 16.56
N HIS D 86 -8.31 -33.52 15.84
CA HIS D 86 -7.82 -34.89 15.71
C HIS D 86 -6.31 -35.02 15.54
N VAL D 87 -5.54 -34.22 16.27
CA VAL D 87 -4.09 -34.31 16.23
C VAL D 87 -3.63 -35.66 16.77
N GLY D 88 -4.35 -36.18 17.76
CA GLY D 88 -3.99 -37.41 18.42
C GLY D 88 -4.30 -38.69 17.67
N THR D 89 -5.48 -38.76 17.06
CA THR D 89 -5.92 -39.97 16.37
C THR D 89 -5.53 -40.00 14.90
N GLY D 90 -5.14 -38.85 14.36
CA GLY D 90 -4.92 -38.72 12.94
C GLY D 90 -6.25 -38.68 12.21
N MET D 91 -6.20 -38.68 10.89
CA MET D 91 -7.41 -38.70 10.07
C MET D 91 -7.15 -39.55 8.83
N THR D 92 -8.18 -40.22 8.33
CA THR D 92 -8.02 -40.97 7.09
C THR D 92 -8.02 -40.03 5.89
N LEU D 93 -7.56 -40.54 4.75
CA LEU D 93 -7.54 -39.75 3.52
C LEU D 93 -8.95 -39.41 3.05
N ALA D 94 -9.86 -40.36 3.25
CA ALA D 94 -11.27 -40.13 2.98
C ALA D 94 -11.75 -38.95 3.81
N GLU D 95 -11.35 -38.95 5.08
CA GLU D 95 -11.75 -37.91 6.02
C GLU D 95 -11.18 -36.53 5.68
N LEU D 96 -9.87 -36.46 5.43
CA LEU D 96 -9.24 -35.21 5.03
C LEU D 96 -9.93 -34.58 3.81
N CYS D 97 -10.14 -35.41 2.79
CA CYS D 97 -10.82 -34.98 1.56
C CYS D 97 -12.20 -34.41 1.84
N GLU D 98 -13.05 -35.19 2.50
CA GLU D 98 -14.41 -34.74 2.84
C GLU D 98 -14.37 -33.44 3.63
N ALA D 99 -13.41 -33.36 4.54
CA ALA D 99 -13.22 -32.19 5.39
C ALA D 99 -12.80 -30.97 4.57
N ALA D 100 -11.83 -31.20 3.69
CA ALA D 100 -11.28 -30.15 2.84
C ALA D 100 -12.32 -29.58 1.87
N ILE D 101 -13.36 -30.36 1.62
CA ILE D 101 -14.39 -29.98 0.65
C ILE D 101 -15.66 -29.45 1.30
N THR D 102 -16.21 -30.24 2.22
CA THR D 102 -17.48 -29.91 2.87
C THR D 102 -17.32 -28.85 3.95
N TYR D 103 -16.10 -28.68 4.45
CA TYR D 103 -15.82 -27.69 5.48
C TYR D 103 -14.68 -26.75 5.10
N SER D 104 -14.09 -26.97 3.92
CA SER D 104 -13.02 -26.13 3.42
C SER D 104 -11.87 -25.98 4.42
N ASP D 105 -11.58 -27.06 5.15
CA ASP D 105 -10.48 -27.11 6.09
C ASP D 105 -9.16 -26.81 5.38
N ASN D 106 -8.40 -25.85 5.89
CA ASN D 106 -7.16 -25.45 5.24
C ASN D 106 -6.00 -26.41 5.50
N THR D 107 -5.95 -26.97 6.71
CA THR D 107 -4.89 -27.92 7.08
C THR D 107 -5.07 -29.27 6.39
N ALA D 108 -6.31 -29.74 6.31
CA ALA D 108 -6.64 -30.96 5.58
C ALA D 108 -6.16 -30.88 4.13
N ALA D 109 -6.37 -29.71 3.53
CA ALA D 109 -5.92 -29.47 2.16
C ALA D 109 -4.40 -29.53 2.04
N ASN D 110 -3.69 -28.91 2.98
CA ASN D 110 -2.23 -28.94 2.98
C ASN D 110 -1.70 -30.37 3.16
N LEU D 111 -2.50 -31.21 3.82
CA LEU D 111 -2.15 -32.61 4.01
C LEU D 111 -2.44 -33.44 2.76
N LEU D 112 -3.45 -33.04 1.99
CA LEU D 112 -3.74 -33.75 0.76
C LEU D 112 -2.67 -33.44 -0.27
N LEU D 113 -2.14 -32.22 -0.20
CA LEU D 113 -1.02 -31.80 -1.03
C LEU D 113 0.27 -32.56 -0.69
N ASP D 114 0.45 -32.90 0.59
CA ASP D 114 1.66 -33.62 0.99
C ASP D 114 1.76 -34.98 0.30
N GLU D 115 0.62 -35.62 0.14
CA GLU D 115 0.58 -36.94 -0.47
C GLU D 115 0.57 -36.84 -2.01
N ILE D 116 0.41 -35.61 -2.51
CA ILE D 116 0.37 -35.36 -3.95
C ILE D 116 1.62 -34.66 -4.51
N GLY D 117 2.44 -34.10 -3.64
CA GLY D 117 3.65 -33.42 -4.07
C GLY D 117 3.47 -31.91 -4.04
N GLY D 118 2.54 -31.48 -3.19
CA GLY D 118 2.23 -30.07 -3.06
C GLY D 118 1.85 -29.39 -4.37
N PRO D 119 1.80 -28.06 -4.38
CA PRO D 119 1.48 -27.18 -5.49
C PRO D 119 2.13 -27.60 -6.81
N LYS D 120 3.33 -28.17 -6.80
CA LYS D 120 3.89 -28.72 -8.02
C LYS D 120 3.17 -30.02 -8.43
N GLY D 121 2.90 -30.88 -7.45
CA GLY D 121 2.24 -32.16 -7.71
C GLY D 121 0.86 -32.04 -8.32
N LEU D 122 -0.01 -31.23 -7.71
CA LEU D 122 -1.37 -31.04 -8.20
C LEU D 122 -1.40 -30.43 -9.59
N THR D 123 -0.57 -29.41 -9.81
CA THR D 123 -0.47 -28.74 -11.10
C THR D 123 -0.15 -29.74 -12.21
N ALA D 124 0.82 -30.62 -11.93
CA ALA D 124 1.21 -31.66 -12.87
C ALA D 124 0.05 -32.62 -13.14
N PHE D 125 -0.78 -32.85 -12.13
CA PHE D 125 -1.96 -33.70 -12.30
C PHE D 125 -3.02 -33.04 -13.18
N LEU D 126 -3.13 -31.72 -13.07
CA LEU D 126 -4.07 -30.96 -13.89
C LEU D 126 -3.64 -30.93 -15.35
N ARG D 127 -2.36 -30.69 -15.58
CA ARG D 127 -1.79 -30.75 -16.92
C ARG D 127 -2.08 -32.13 -17.51
N SER D 128 -1.97 -33.15 -16.67
CA SER D 128 -2.16 -34.55 -17.08
C SER D 128 -3.53 -34.80 -17.70
N ILE D 129 -4.54 -34.07 -17.24
CA ILE D 129 -5.91 -34.28 -17.69
C ILE D 129 -6.44 -33.18 -18.61
N GLY D 130 -5.53 -32.43 -19.24
CA GLY D 130 -5.93 -31.42 -20.21
C GLY D 130 -5.93 -29.97 -19.72
N ASP D 131 -5.72 -29.77 -18.43
CA ASP D 131 -5.76 -28.42 -17.87
C ASP D 131 -4.38 -27.77 -17.99
N ASP D 132 -4.21 -26.97 -19.05
N ASP D 132 -4.20 -26.95 -19.03
CA ASP D 132 -2.97 -26.25 -19.31
CA ASP D 132 -2.93 -26.27 -19.23
C ASP D 132 -2.98 -24.84 -18.73
C ASP D 132 -2.98 -24.83 -18.73
N VAL D 133 -4.03 -24.52 -17.98
CA VAL D 133 -4.23 -23.17 -17.48
C VAL D 133 -4.06 -23.10 -15.96
N THR D 134 -4.80 -23.93 -15.25
CA THR D 134 -4.83 -23.90 -13.79
C THR D 134 -3.45 -24.15 -13.19
N ARG D 135 -3.11 -23.37 -12.16
CA ARG D 135 -1.83 -23.50 -11.50
C ARG D 135 -1.94 -23.12 -10.03
N LEU D 136 -1.36 -23.94 -9.16
CA LEU D 136 -1.11 -23.49 -7.79
C LEU D 136 0.37 -23.54 -7.46
N ASP D 137 0.76 -22.68 -6.52
CA ASP D 137 2.17 -22.46 -6.26
C ASP D 137 2.47 -22.54 -4.76
N ARG D 138 1.48 -22.23 -3.94
CA ARG D 138 1.69 -22.18 -2.49
C ARG D 138 0.72 -23.06 -1.73
N TRP D 139 0.94 -23.13 -0.42
CA TRP D 139 0.08 -23.89 0.48
C TRP D 139 -0.86 -22.92 1.18
N GLU D 140 -1.78 -23.45 1.98
CA GLU D 140 -2.61 -22.63 2.83
C GLU D 140 -1.75 -22.08 3.97
N PRO D 141 -1.97 -20.81 4.37
CA PRO D 141 -3.00 -19.92 3.83
C PRO D 141 -2.45 -18.87 2.88
N GLU D 142 -1.18 -18.98 2.51
CA GLU D 142 -0.51 -17.96 1.70
C GLU D 142 -1.07 -17.89 0.27
N LEU D 143 -1.72 -18.96 -0.16
CA LEU D 143 -2.29 -19.01 -1.50
C LEU D 143 -3.51 -18.11 -1.67
N ASN D 144 -4.06 -17.64 -0.55
CA ASN D 144 -5.24 -16.79 -0.56
C ASN D 144 -4.91 -15.32 -0.73
N GLU D 145 -3.64 -15.04 -1.02
CA GLU D 145 -3.14 -13.67 -1.09
C GLU D 145 -3.85 -12.84 -2.16
N ALA D 146 -4.08 -13.46 -3.32
CA ALA D 146 -4.92 -12.86 -4.35
C ALA D 146 -4.44 -11.51 -4.85
N LEU D 147 -3.13 -11.38 -5.03
N LEU D 147 -3.12 -11.39 -5.03
CA LEU D 147 -2.57 -10.13 -5.54
CA LEU D 147 -2.55 -10.15 -5.54
C LEU D 147 -2.95 -9.90 -7.00
C LEU D 147 -2.96 -9.90 -7.00
N PRO D 148 -3.53 -8.72 -7.29
CA PRO D 148 -3.94 -8.35 -8.65
C PRO D 148 -2.78 -8.44 -9.63
N GLY D 149 -3.03 -8.98 -10.82
CA GLY D 149 -1.99 -9.12 -11.82
C GLY D 149 -0.98 -10.21 -11.52
N ASP D 150 -1.08 -10.85 -10.35
CA ASP D 150 -0.24 -12.00 -10.03
C ASP D 150 -0.95 -13.30 -10.42
N PRO D 151 -0.33 -14.07 -11.33
CA PRO D 151 -0.93 -15.33 -11.81
C PRO D 151 -0.64 -16.54 -10.92
N ARG D 152 0.05 -16.33 -9.80
CA ARG D 152 0.26 -17.40 -8.82
C ARG D 152 -1.07 -17.91 -8.26
N ASP D 153 -1.20 -19.24 -8.23
CA ASP D 153 -2.38 -19.91 -7.66
C ASP D 153 -3.72 -19.52 -8.30
N THR D 154 -3.74 -19.38 -9.61
CA THR D 154 -4.93 -18.94 -10.32
C THR D 154 -5.50 -20.00 -11.25
N THR D 155 -6.80 -19.87 -11.53
CA THR D 155 -7.45 -20.59 -12.63
C THR D 155 -8.23 -19.58 -13.45
N THR D 156 -8.92 -20.08 -14.48
CA THR D 156 -9.94 -19.29 -15.18
C THR D 156 -11.29 -20.00 -15.01
N PRO D 157 -12.40 -19.25 -15.11
CA PRO D 157 -13.71 -19.91 -14.97
C PRO D 157 -13.89 -21.00 -16.03
N ALA D 158 -13.45 -20.72 -17.25
CA ALA D 158 -13.55 -21.70 -18.33
C ALA D 158 -12.72 -22.96 -18.06
N ALA D 159 -11.51 -22.77 -17.55
CA ALA D 159 -10.61 -23.91 -17.30
C ALA D 159 -11.14 -24.76 -16.17
N MET D 160 -11.59 -24.11 -15.11
CA MET D 160 -12.09 -24.81 -13.93
C MET D 160 -13.34 -25.60 -14.24
N ALA D 161 -14.26 -24.98 -14.99
CA ALA D 161 -15.50 -25.63 -15.38
C ALA D 161 -15.25 -26.89 -16.21
N ALA D 162 -14.34 -26.77 -17.18
CA ALA D 162 -13.98 -27.91 -18.03
C ALA D 162 -13.33 -29.01 -17.19
N THR D 163 -12.34 -28.63 -16.37
CA THR D 163 -11.67 -29.58 -15.48
C THR D 163 -12.67 -30.23 -14.54
N LEU D 164 -13.67 -29.47 -14.09
CA LEU D 164 -14.68 -30.00 -13.17
C LEU D 164 -15.62 -30.98 -13.85
N ARG D 165 -16.03 -30.67 -15.08
CA ARG D 165 -16.92 -31.55 -15.83
C ARG D 165 -16.22 -32.84 -16.23
N ALA D 166 -14.93 -32.77 -16.49
CA ALA D 166 -14.14 -33.94 -16.83
C ALA D 166 -14.04 -34.87 -15.63
N LEU D 167 -13.92 -34.27 -14.44
CA LEU D 167 -13.80 -35.02 -13.20
C LEU D 167 -15.14 -35.63 -12.77
N LEU D 168 -16.21 -34.86 -12.90
CA LEU D 168 -17.52 -35.24 -12.36
C LEU D 168 -18.46 -35.96 -13.33
N LEU D 169 -18.31 -35.68 -14.62
CA LEU D 169 -19.19 -36.25 -15.64
C LEU D 169 -18.37 -36.97 -16.70
N GLY D 170 -17.10 -36.59 -16.82
CA GLY D 170 -16.19 -37.22 -17.76
C GLY D 170 -15.62 -38.52 -17.23
N ASP D 171 -14.44 -38.90 -17.70
CA ASP D 171 -13.80 -40.15 -17.28
CA ASP D 171 -13.81 -40.14 -17.26
C ASP D 171 -12.41 -39.94 -16.68
N ALA D 172 -12.13 -38.71 -16.22
CA ALA D 172 -10.83 -38.41 -15.63
C ALA D 172 -10.60 -39.29 -14.41
N LEU D 173 -11.70 -39.69 -13.77
CA LEU D 173 -11.67 -40.60 -12.64
C LEU D 173 -12.58 -41.79 -12.95
N SER D 174 -12.39 -42.89 -12.23
CA SER D 174 -13.27 -44.06 -12.32
C SER D 174 -14.70 -43.67 -11.91
N PRO D 175 -15.70 -44.51 -12.23
CA PRO D 175 -17.07 -44.12 -11.86
C PRO D 175 -17.27 -43.96 -10.36
N ALA D 176 -16.85 -44.96 -9.58
CA ALA D 176 -16.96 -44.87 -8.12
C ALA D 176 -16.21 -43.68 -7.53
N SER D 177 -15.05 -43.37 -8.11
CA SER D 177 -14.23 -42.24 -7.68
C SER D 177 -14.91 -40.94 -8.10
N ARG D 178 -15.47 -40.95 -9.30
CA ARG D 178 -16.29 -39.86 -9.79
C ARG D 178 -17.49 -39.68 -8.88
N ALA D 179 -18.13 -40.80 -8.51
CA ALA D 179 -19.30 -40.78 -7.66
C ALA D 179 -18.96 -40.26 -6.27
N GLN D 180 -17.73 -40.52 -5.84
CA GLN D 180 -17.29 -40.09 -4.52
C GLN D 180 -17.07 -38.59 -4.45
N LEU D 181 -16.37 -38.05 -5.44
CA LEU D 181 -16.15 -36.62 -5.54
C LEU D 181 -17.49 -35.90 -5.64
N THR D 182 -18.47 -36.56 -6.25
CA THR D 182 -19.82 -36.03 -6.37
C THR D 182 -20.49 -35.86 -5.01
N ASP D 183 -20.47 -36.93 -4.23
CA ASP D 183 -21.09 -36.91 -2.90
C ASP D 183 -20.45 -35.89 -1.96
N TRP D 184 -19.13 -35.72 -2.07
CA TRP D 184 -18.42 -34.74 -1.26
C TRP D 184 -18.90 -33.33 -1.59
N MET D 185 -19.10 -33.04 -2.87
CA MET D 185 -19.54 -31.71 -3.30
C MET D 185 -21.03 -31.48 -3.01
N ARG D 186 -21.83 -32.54 -3.13
CA ARG D 186 -23.26 -32.47 -2.82
C ARG D 186 -23.50 -32.13 -1.35
N GLY D 187 -22.58 -32.58 -0.48
CA GLY D 187 -22.70 -32.37 0.95
C GLY D 187 -21.89 -31.22 1.51
N ASN D 188 -21.47 -30.28 0.67
CA ASN D 188 -20.78 -29.09 1.15
C ASN D 188 -21.70 -28.28 2.04
N THR D 189 -21.15 -27.71 3.12
CA THR D 189 -21.94 -26.95 4.08
C THR D 189 -21.56 -25.48 4.09
N THR D 190 -20.66 -25.06 3.20
CA THR D 190 -20.17 -23.68 3.23
C THR D 190 -20.78 -22.78 2.15
N GLY D 191 -21.78 -23.29 1.42
CA GLY D 191 -22.30 -22.55 0.27
C GLY D 191 -23.79 -22.25 0.18
N ASP D 192 -24.51 -22.26 1.30
CA ASP D 192 -25.95 -22.03 1.28
C ASP D 192 -26.34 -20.64 0.78
N LYS D 193 -25.42 -19.68 0.92
CA LYS D 193 -25.73 -18.28 0.62
C LYS D 193 -25.25 -17.92 -0.77
N LEU D 194 -24.69 -18.89 -1.46
CA LEU D 194 -24.03 -18.65 -2.73
C LEU D 194 -24.87 -19.19 -3.89
N ILE D 195 -24.28 -20.07 -4.72
CA ILE D 195 -25.00 -20.58 -5.88
C ILE D 195 -26.36 -21.16 -5.49
N ARG D 196 -26.38 -21.94 -4.41
CA ARG D 196 -27.64 -22.53 -3.91
C ARG D 196 -28.73 -21.48 -3.62
N ALA D 197 -28.34 -20.32 -3.12
CA ALA D 197 -29.30 -19.27 -2.79
C ALA D 197 -29.82 -18.55 -4.02
N GLY D 198 -29.15 -18.74 -5.15
CA GLY D 198 -29.53 -18.04 -6.37
C GLY D 198 -30.37 -18.88 -7.33
N LEU D 199 -30.55 -20.16 -6.98
CA LEU D 199 -31.28 -21.09 -7.82
C LEU D 199 -32.70 -21.33 -7.30
N PRO D 200 -33.66 -21.60 -8.19
CA PRO D 200 -35.04 -21.80 -7.76
C PRO D 200 -35.17 -23.10 -6.97
N ALA D 201 -36.23 -23.24 -6.18
CA ALA D 201 -36.44 -24.47 -5.41
C ALA D 201 -36.51 -25.68 -6.33
N GLY D 202 -35.90 -26.78 -5.92
CA GLY D 202 -35.94 -28.02 -6.67
C GLY D 202 -34.67 -28.32 -7.45
N TRP D 203 -33.72 -27.39 -7.40
CA TRP D 203 -32.44 -27.55 -8.12
C TRP D 203 -31.36 -28.15 -7.22
N ARG D 204 -30.82 -29.31 -7.62
CA ARG D 204 -29.80 -30.01 -6.84
C ARG D 204 -28.40 -29.46 -7.11
N VAL D 205 -27.58 -29.37 -6.06
CA VAL D 205 -26.26 -28.75 -6.18
C VAL D 205 -25.15 -29.52 -5.45
N GLY D 206 -24.05 -29.78 -6.15
CA GLY D 206 -22.79 -30.11 -5.50
C GLY D 206 -21.90 -28.91 -5.72
N ASP D 207 -21.21 -28.44 -4.68
CA ASP D 207 -20.41 -27.23 -4.85
C ASP D 207 -19.18 -27.14 -3.96
N LYS D 208 -18.30 -26.21 -4.30
CA LYS D 208 -17.11 -25.91 -3.49
C LYS D 208 -16.87 -24.42 -3.49
N THR D 209 -16.71 -23.85 -2.31
CA THR D 209 -16.62 -22.40 -2.18
C THR D 209 -15.18 -21.90 -2.13
N GLY D 210 -15.02 -20.58 -2.18
CA GLY D 210 -13.73 -19.95 -2.01
C GLY D 210 -13.89 -18.57 -1.37
N THR D 211 -12.93 -18.20 -0.51
CA THR D 211 -12.84 -16.86 0.05
C THR D 211 -11.36 -16.50 0.19
N GLY D 212 -11.01 -15.25 -0.07
CA GLY D 212 -9.63 -14.81 0.08
C GLY D 212 -9.48 -13.30 0.25
N SER D 213 -8.24 -12.85 0.24
CA SER D 213 -7.93 -11.42 0.36
CA SER D 213 -7.93 -11.42 0.36
C SER D 213 -8.39 -10.66 -0.87
N TYR D 214 -8.22 -9.34 -0.86
CA TYR D 214 -8.66 -8.49 -1.96
C TYR D 214 -10.15 -8.77 -2.30
N GLY D 215 -10.91 -9.15 -1.29
CA GLY D 215 -12.33 -9.41 -1.44
C GLY D 215 -12.67 -10.56 -2.39
N THR D 216 -11.86 -11.62 -2.35
CA THR D 216 -12.12 -12.76 -3.21
C THR D 216 -13.29 -13.60 -2.68
N ARG D 217 -14.23 -13.92 -3.55
CA ARG D 217 -15.35 -14.78 -3.18
C ARG D 217 -15.77 -15.60 -4.39
N ASN D 218 -15.66 -16.93 -4.27
CA ASN D 218 -15.88 -17.83 -5.39
C ASN D 218 -16.86 -18.96 -5.07
N ASP D 219 -17.46 -19.52 -6.12
CA ASP D 219 -18.20 -20.77 -5.99
C ASP D 219 -18.22 -21.52 -7.32
N ILE D 220 -17.92 -22.81 -7.27
CA ILE D 220 -18.01 -23.67 -8.45
C ILE D 220 -18.94 -24.82 -8.11
N ALA D 221 -19.72 -25.24 -9.09
CA ALA D 221 -20.79 -26.19 -8.83
C ALA D 221 -21.15 -27.05 -10.03
N ILE D 222 -21.72 -28.21 -9.74
CA ILE D 222 -22.44 -28.99 -10.74
C ILE D 222 -23.90 -28.94 -10.28
N ILE D 223 -24.81 -28.73 -11.23
CA ILE D 223 -26.20 -28.43 -10.89
C ILE D 223 -27.19 -29.33 -11.62
N TRP D 224 -28.11 -29.92 -10.87
CA TRP D 224 -29.12 -30.80 -11.45
C TRP D 224 -30.51 -30.21 -11.31
N PRO D 225 -30.98 -29.50 -12.34
CA PRO D 225 -32.35 -29.01 -12.32
C PRO D 225 -33.28 -30.16 -12.61
N PRO D 226 -34.52 -30.10 -12.11
CA PRO D 226 -35.44 -31.22 -12.33
C PRO D 226 -35.82 -31.36 -13.80
N ASN D 227 -35.84 -32.59 -14.30
CA ASN D 227 -36.15 -32.87 -15.70
C ASN D 227 -35.17 -32.22 -16.70
N ARG D 228 -33.90 -32.11 -16.31
CA ARG D 228 -32.87 -31.56 -17.18
C ARG D 228 -31.51 -32.20 -16.91
N ALA D 229 -30.60 -32.05 -17.88
CA ALA D 229 -29.23 -32.55 -17.74
C ALA D 229 -28.48 -31.64 -16.78
N PRO D 230 -27.37 -32.14 -16.23
CA PRO D 230 -26.61 -31.28 -15.32
C PRO D 230 -26.02 -30.05 -16.03
N ILE D 231 -25.90 -28.96 -15.27
CA ILE D 231 -25.22 -27.75 -15.70
C ILE D 231 -23.92 -27.67 -14.89
N VAL D 232 -22.83 -27.26 -15.53
CA VAL D 232 -21.58 -27.00 -14.82
C VAL D 232 -21.40 -25.49 -14.75
N LEU D 233 -21.13 -24.96 -13.56
CA LEU D 233 -21.09 -23.51 -13.37
C LEU D 233 -19.92 -23.11 -12.49
N ALA D 234 -19.08 -22.23 -13.03
CA ALA D 234 -17.97 -21.70 -12.25
C ALA D 234 -18.11 -20.20 -12.12
N ILE D 235 -18.10 -19.73 -10.88
CA ILE D 235 -18.17 -18.29 -10.64
C ILE D 235 -17.02 -17.81 -9.76
N TYR D 236 -16.28 -16.83 -10.26
CA TYR D 236 -15.17 -16.25 -9.52
C TYR D 236 -15.36 -14.75 -9.40
N SER D 237 -15.05 -14.22 -8.22
CA SER D 237 -15.09 -12.78 -8.02
C SER D 237 -13.90 -12.35 -7.17
N THR D 238 -13.26 -11.25 -7.55
CA THR D 238 -12.24 -10.64 -6.70
C THR D 238 -12.20 -9.13 -6.88
N GLY D 239 -11.72 -8.43 -5.86
CA GLY D 239 -11.55 -6.98 -5.95
C GLY D 239 -12.74 -6.21 -5.43
N SER D 240 -13.83 -6.91 -5.14
CA SER D 240 -15.04 -6.25 -4.65
C SER D 240 -14.80 -5.58 -3.30
N THR D 241 -15.55 -4.52 -3.06
CA THR D 241 -15.50 -3.79 -1.81
C THR D 241 -16.91 -3.82 -1.22
N ALA D 242 -17.16 -4.83 -0.37
CA ALA D 242 -18.52 -5.10 0.10
C ALA D 242 -18.44 -5.99 1.34
N ASP D 243 -19.47 -5.99 2.20
CA ASP D 243 -19.40 -6.82 3.40
C ASP D 243 -19.67 -8.29 3.04
N ALA D 244 -19.47 -9.19 4.01
CA ALA D 244 -19.57 -10.63 3.72
C ALA D 244 -20.92 -11.02 3.13
N LYS D 245 -21.99 -10.52 3.74
CA LYS D 245 -23.34 -10.81 3.27
C LYS D 245 -23.51 -10.44 1.81
N GLU D 246 -22.99 -9.27 1.43
CA GLU D 246 -23.25 -8.80 0.07
C GLU D 246 -22.38 -9.49 -0.97
N ARG D 247 -21.16 -9.87 -0.60
CA ARG D 247 -20.36 -10.74 -1.48
C ARG D 247 -21.12 -12.04 -1.75
N ASN D 248 -21.76 -12.59 -0.72
CA ASN D 248 -22.62 -13.75 -0.91
C ASN D 248 -23.70 -13.47 -1.96
N ALA D 249 -24.37 -12.32 -1.83
CA ALA D 249 -25.46 -11.96 -2.75
C ALA D 249 -24.97 -11.76 -4.19
N LEU D 250 -23.75 -11.26 -4.33
CA LEU D 250 -23.15 -11.12 -5.66
C LEU D 250 -23.09 -12.47 -6.37
N ILE D 251 -22.57 -13.48 -5.69
CA ILE D 251 -22.46 -14.80 -6.31
C ILE D 251 -23.85 -15.38 -6.58
N ALA D 252 -24.71 -15.35 -5.56
CA ALA D 252 -26.08 -15.84 -5.71
C ALA D 252 -26.80 -15.22 -6.90
N GLU D 253 -26.69 -13.91 -7.05
CA GLU D 253 -27.33 -13.20 -8.15
C GLU D 253 -26.74 -13.63 -9.51
N ALA D 254 -25.41 -13.76 -9.57
CA ALA D 254 -24.75 -14.22 -10.79
C ALA D 254 -25.34 -15.56 -11.20
N ALA D 255 -25.55 -16.43 -10.22
CA ALA D 255 -26.11 -17.75 -10.46
C ALA D 255 -27.57 -17.63 -10.93
N LYS D 256 -28.30 -16.69 -10.33
CA LYS D 256 -29.70 -16.47 -10.69
C LYS D 256 -29.81 -16.05 -12.15
N ILE D 257 -28.90 -15.18 -12.57
CA ILE D 257 -28.84 -14.70 -13.94
C ILE D 257 -28.58 -15.86 -14.90
N VAL D 258 -27.59 -16.69 -14.54
CA VAL D 258 -27.28 -17.89 -15.32
C VAL D 258 -28.49 -18.81 -15.51
N ALA D 259 -29.30 -18.96 -14.47
CA ALA D 259 -30.46 -19.86 -14.53
C ALA D 259 -31.52 -19.37 -15.50
N GLU D 260 -31.64 -18.05 -15.64
CA GLU D 260 -32.64 -17.46 -16.52
C GLU D 260 -32.16 -17.48 -17.96
N ALA D 261 -30.85 -17.41 -18.17
CA ALA D 261 -30.31 -17.23 -19.51
C ALA D 261 -29.91 -18.54 -20.18
N LEU D 262 -29.44 -19.49 -19.39
CA LEU D 262 -28.92 -20.73 -19.93
C LEU D 262 -30.03 -21.55 -20.54
#